data_3FTQ
#
_entry.id   3FTQ
#
_cell.length_a   65.980
_cell.length_b   118.440
_cell.length_c   190.820
_cell.angle_alpha   90.00
_cell.angle_beta   90.00
_cell.angle_gamma   90.00
#
_symmetry.space_group_name_H-M   'P 21 21 21'
#
loop_
_entity.id
_entity.type
_entity.pdbx_description
1 polymer Septin-2
2 non-polymer 'MAGNESIUM ION'
3 non-polymer 'PHOSPHOAMINOPHOSPHONIC ACID-GUANYLATE ESTER'
4 water water
#
_entity_poly.entity_id   1
_entity_poly.type   'polypeptide(L)'
_entity_poly.pdbx_seq_one_letter_code
;KKGFEFTLMVVGESGLGKSTLINSLFLTDLYPERIIPGAAEKIERTVQIEASTVEIEERGVKLRLTVVDTPGYGDAINCR
DCFKTIISYIDEQFERYLHDESGLNRRHIIDNRVHCCFYFISPFGHGLKPLDVAFMKAIHNKVNIVPVIAKADTLTLKER
ERLKKRILDEIEEHSIKIYHLPDAESDEDEDFKEQTRLLKASIPFSVVGSNQLIEAKGKKVRGRLYPWGVVEVENPEHND
FLKLRTMLITHMQDLQEVTQDLHYENFRSERLKR
;
_entity_poly.pdbx_strand_id   A,B,C,D
#
# COMPACT_ATOMS: atom_id res chain seq x y z
N LYS A 2 -17.30 -25.86 54.77
CA LYS A 2 -16.12 -25.19 54.12
C LYS A 2 -16.20 -25.27 52.59
N GLY A 3 -16.55 -24.15 51.96
CA GLY A 3 -16.83 -24.12 50.52
C GLY A 3 -15.96 -23.17 49.72
N PHE A 4 -15.57 -23.63 48.54
CA PHE A 4 -14.73 -22.87 47.61
C PHE A 4 -15.40 -22.88 46.24
N GLU A 5 -15.60 -21.71 45.65
CA GLU A 5 -16.21 -21.64 44.30
C GLU A 5 -15.41 -20.82 43.31
N PHE A 6 -15.24 -21.39 42.11
CA PHE A 6 -14.44 -20.79 41.05
C PHE A 6 -15.19 -20.82 39.74
N THR A 7 -15.08 -19.75 38.96
CA THR A 7 -15.76 -19.69 37.69
C THR A 7 -14.80 -19.30 36.57
N LEU A 8 -14.80 -20.12 35.52
CA LEU A 8 -14.01 -19.92 34.32
C LEU A 8 -14.91 -19.58 33.14
N MET A 9 -14.55 -18.55 32.39
CA MET A 9 -15.27 -18.23 31.17
C MET A 9 -14.39 -18.50 29.95
N VAL A 10 -15.03 -18.77 28.82
CA VAL A 10 -14.33 -18.98 27.58
C VAL A 10 -14.96 -18.11 26.47
N VAL A 11 -14.10 -17.36 25.78
CA VAL A 11 -14.55 -16.25 24.96
C VAL A 11 -13.66 -16.13 23.71
N GLY A 12 -14.26 -15.67 22.61
CA GLY A 12 -13.50 -15.38 21.40
C GLY A 12 -14.28 -15.59 20.13
N GLU A 13 -13.58 -15.57 19.00
CA GLU A 13 -14.22 -15.74 17.71
C GLU A 13 -14.86 -17.13 17.56
N SER A 14 -15.98 -17.18 16.84
CA SER A 14 -16.69 -18.42 16.60
C SER A 14 -15.83 -19.40 15.81
N GLY A 15 -16.04 -20.70 16.06
CA GLY A 15 -15.30 -21.76 15.36
C GLY A 15 -13.84 -21.91 15.73
N LEU A 16 -13.46 -21.45 16.92
CA LEU A 16 -12.09 -21.61 17.39
C LEU A 16 -11.89 -22.78 18.35
N GLY A 17 -12.91 -23.63 18.48
CA GLY A 17 -12.80 -24.83 19.29
C GLY A 17 -12.99 -24.59 20.78
N LYS A 18 -13.70 -23.52 21.12
CA LYS A 18 -13.90 -23.12 22.51
C LYS A 18 -14.68 -24.18 23.30
N SER A 19 -15.86 -24.55 22.81
CA SER A 19 -16.68 -25.56 23.47
C SER A 19 -15.94 -26.89 23.55
N THR A 20 -15.19 -27.23 22.51
CA THR A 20 -14.49 -28.50 22.48
C THR A 20 -13.45 -28.54 23.60
N LEU A 21 -12.75 -27.43 23.81
CA LEU A 21 -11.67 -27.39 24.80
C LEU A 21 -12.16 -27.50 26.24
N ILE A 22 -13.27 -26.85 26.57
CA ILE A 22 -13.80 -26.91 27.94
C ILE A 22 -14.45 -28.24 28.27
N ASN A 23 -15.09 -28.86 27.29
CA ASN A 23 -15.64 -30.20 27.44
C ASN A 23 -14.50 -31.17 27.74
N SER A 24 -13.32 -30.82 27.24
CA SER A 24 -12.13 -31.62 27.33
C SER A 24 -11.33 -31.29 28.59
N LEU A 25 -11.69 -30.22 29.28
CA LEU A 25 -10.91 -29.71 30.42
C LEU A 25 -11.03 -30.57 31.69
N PHE A 26 -12.25 -30.85 32.14
CA PHE A 26 -12.47 -31.77 33.27
C PHE A 26 -13.31 -32.98 32.86
N LYS A 42 -23.60 -34.45 20.20
CA LYS A 42 -22.69 -34.29 19.08
C LYS A 42 -22.00 -32.90 19.06
N ILE A 43 -21.91 -32.29 20.23
CA ILE A 43 -21.27 -30.99 20.38
C ILE A 43 -21.51 -29.78 19.48
N GLU A 44 -22.77 -29.37 19.36
CA GLU A 44 -23.12 -28.17 18.60
C GLU A 44 -22.63 -26.74 18.83
N ARG A 45 -22.82 -25.91 17.82
CA ARG A 45 -22.57 -24.49 17.90
C ARG A 45 -23.24 -23.86 19.12
N THR A 46 -22.48 -23.09 19.90
CA THR A 46 -22.99 -22.46 21.11
C THR A 46 -23.79 -21.21 20.76
N VAL A 47 -25.07 -21.17 21.12
CA VAL A 47 -25.92 -20.06 20.68
C VAL A 47 -26.16 -19.02 21.77
N GLN A 48 -26.28 -19.46 23.01
CA GLN A 48 -26.41 -18.55 24.15
C GLN A 48 -25.37 -18.90 25.17
N ILE A 49 -25.16 -18.01 26.14
CA ILE A 49 -24.29 -18.29 27.27
C ILE A 49 -24.77 -19.56 28.00
N GLU A 50 -23.86 -20.52 28.15
CA GLU A 50 -24.17 -21.79 28.78
C GLU A 50 -23.17 -22.07 29.90
N ALA A 51 -23.69 -22.36 31.09
CA ALA A 51 -22.85 -22.67 32.23
C ALA A 51 -22.95 -24.14 32.56
N SER A 52 -21.81 -24.74 32.89
CA SER A 52 -21.78 -26.12 33.34
C SER A 52 -21.01 -26.17 34.66
N THR A 53 -21.45 -27.02 35.57
CA THR A 53 -20.91 -27.02 36.92
C THR A 53 -20.37 -28.39 37.35
N VAL A 54 -19.25 -28.39 38.08
CA VAL A 54 -18.70 -29.59 38.66
C VAL A 54 -18.61 -29.34 40.15
N GLU A 55 -19.47 -30.03 40.91
CA GLU A 55 -19.45 -29.87 42.35
C GLU A 55 -18.82 -31.10 42.99
N ILE A 56 -17.71 -30.89 43.68
CA ILE A 56 -17.02 -31.97 44.39
C ILE A 56 -17.25 -31.83 45.89
N GLU A 57 -17.85 -32.87 46.49
CA GLU A 57 -18.15 -32.84 47.92
C GLU A 57 -17.71 -34.10 48.65
N GLU A 58 -16.97 -33.89 49.73
CA GLU A 58 -16.57 -34.94 50.65
C GLU A 58 -16.08 -34.32 51.95
N ARG A 59 -16.18 -35.04 53.07
CA ARG A 59 -15.73 -34.54 54.39
C ARG A 59 -16.35 -33.15 54.61
N GLY A 60 -15.53 -32.17 54.96
CA GLY A 60 -15.96 -30.77 55.05
C GLY A 60 -15.31 -29.84 54.05
N VAL A 61 -15.18 -30.30 52.81
CA VAL A 61 -14.68 -29.48 51.71
C VAL A 61 -15.64 -29.57 50.52
N LYS A 62 -16.12 -28.42 50.05
CA LYS A 62 -17.09 -28.37 48.96
C LYS A 62 -16.58 -27.48 47.83
N LEU A 63 -16.00 -28.11 46.81
CA LEU A 63 -15.44 -27.40 45.68
C LEU A 63 -16.50 -27.22 44.61
N ARG A 64 -16.62 -26.01 44.07
CA ARG A 64 -17.55 -25.75 42.96
C ARG A 64 -16.82 -25.09 41.78
N LEU A 65 -16.70 -25.83 40.67
CA LEU A 65 -16.07 -25.32 39.45
C LEU A 65 -17.10 -25.10 38.37
N THR A 66 -17.22 -23.85 37.95
CA THR A 66 -18.19 -23.50 36.92
C THR A 66 -17.44 -23.10 35.65
N VAL A 67 -17.97 -23.57 34.52
CA VAL A 67 -17.43 -23.20 33.23
C VAL A 67 -18.49 -22.48 32.40
N VAL A 68 -18.18 -21.26 31.99
CA VAL A 68 -19.10 -20.47 31.22
C VAL A 68 -18.70 -20.44 29.74
N ASP A 69 -19.48 -21.13 28.93
CA ASP A 69 -19.29 -21.13 27.50
C ASP A 69 -20.08 -19.97 26.89
N THR A 70 -19.48 -19.32 25.92
CA THR A 70 -20.09 -18.17 25.26
C THR A 70 -20.14 -18.40 23.76
N PRO A 71 -21.18 -17.87 23.08
CA PRO A 71 -21.18 -17.85 21.63
C PRO A 71 -20.10 -16.92 21.07
N GLY A 72 -19.31 -17.42 20.12
CA GLY A 72 -18.25 -16.63 19.47
C GLY A 72 -18.78 -15.66 18.44
N TYR A 73 -18.00 -14.64 18.12
CA TYR A 73 -18.42 -13.61 17.15
C TYR A 73 -18.01 -13.94 15.71
N GLY A 74 -18.57 -13.22 14.75
CA GLY A 74 -18.13 -13.29 13.35
C GLY A 74 -18.82 -14.23 12.38
N ASP A 75 -19.66 -15.12 12.90
CA ASP A 75 -20.42 -16.01 12.04
C ASP A 75 -21.79 -15.90 12.70
N ALA A 76 -22.70 -15.16 12.08
CA ALA A 76 -24.05 -15.00 12.60
C ALA A 76 -24.21 -14.11 13.86
N ILE A 77 -23.12 -13.50 14.31
CA ILE A 77 -23.14 -12.72 15.54
C ILE A 77 -22.03 -11.68 15.30
N ASN A 78 -22.40 -10.41 15.34
CA ASN A 78 -21.49 -9.30 15.13
C ASN A 78 -20.77 -8.94 16.45
N CYS A 79 -19.48 -8.65 16.36
CA CYS A 79 -18.59 -8.53 17.54
C CYS A 79 -19.08 -7.63 18.68
N ARG A 80 -19.72 -6.52 18.33
CA ARG A 80 -20.26 -5.57 19.31
C ARG A 80 -21.39 -6.18 20.14
N ASP A 81 -22.29 -6.88 19.46
CA ASP A 81 -23.38 -7.59 20.12
C ASP A 81 -22.79 -8.63 21.08
N CYS A 82 -21.80 -9.37 20.59
CA CYS A 82 -21.23 -10.50 21.30
C CYS A 82 -20.56 -10.13 22.62
N PHE A 83 -19.82 -9.03 22.65
CA PHE A 83 -19.17 -8.64 23.90
C PHE A 83 -20.07 -7.81 24.80
N LYS A 84 -21.15 -7.27 24.23
CA LYS A 84 -22.19 -6.64 25.04
C LYS A 84 -22.90 -7.68 25.91
N THR A 85 -23.27 -8.81 25.32
CA THR A 85 -23.91 -9.88 26.08
C THR A 85 -22.94 -10.52 27.11
N ILE A 86 -21.69 -10.70 26.71
CA ILE A 86 -20.65 -11.17 27.63
C ILE A 86 -20.39 -10.20 28.80
N ILE A 87 -20.24 -8.91 28.50
CA ILE A 87 -20.05 -7.88 29.54
C ILE A 87 -21.26 -7.86 30.46
N SER A 88 -22.44 -7.92 29.87
CA SER A 88 -23.70 -7.94 30.61
C SER A 88 -23.71 -9.07 31.64
N TYR A 89 -23.27 -10.25 31.24
CA TYR A 89 -23.17 -11.41 32.11
C TYR A 89 -22.21 -11.20 33.27
N ILE A 90 -21.01 -10.69 32.99
CA ILE A 90 -20.01 -10.43 34.03
C ILE A 90 -20.50 -9.41 35.05
N ASP A 91 -21.12 -8.33 34.57
CA ASP A 91 -21.63 -7.25 35.42
C ASP A 91 -22.79 -7.73 36.26
N GLU A 92 -23.53 -8.69 35.74
CA GLU A 92 -24.62 -9.29 36.49
C GLU A 92 -24.14 -10.09 37.68
N GLN A 93 -23.02 -10.76 37.54
CA GLN A 93 -22.50 -11.60 38.62
C GLN A 93 -21.87 -10.75 39.69
N PHE A 94 -21.38 -9.57 39.29
CA PHE A 94 -20.93 -8.57 40.24
C PHE A 94 -22.16 -8.05 40.99
N GLU A 95 -23.21 -7.75 40.25
CA GLU A 95 -24.48 -7.25 40.77
C GLU A 95 -25.02 -8.18 41.84
N ARG A 96 -25.06 -9.47 41.52
CA ARG A 96 -25.57 -10.49 42.42
C ARG A 96 -24.72 -10.57 43.68
N TYR A 97 -23.41 -10.59 43.51
CA TYR A 97 -22.51 -10.66 44.66
C TYR A 97 -22.67 -9.44 45.56
N LEU A 98 -22.83 -8.27 44.95
CA LEU A 98 -23.03 -7.04 45.69
C LEU A 98 -24.32 -7.11 46.50
N HIS A 99 -25.40 -7.58 45.86
CA HIS A 99 -26.70 -7.74 46.51
C HIS A 99 -26.64 -8.67 47.72
N ASP A 100 -25.93 -9.79 47.58
CA ASP A 100 -25.75 -10.74 48.67
C ASP A 100 -24.92 -10.13 49.79
N GLU A 101 -24.05 -9.20 49.42
CA GLU A 101 -23.15 -8.53 50.36
C GLU A 101 -23.84 -7.33 51.00
N SER A 102 -24.76 -6.72 50.26
CA SER A 102 -25.47 -5.52 50.68
C SER A 102 -26.44 -5.81 51.83
N GLY A 103 -26.47 -7.06 52.27
CA GLY A 103 -27.32 -7.44 53.38
C GLY A 103 -27.59 -8.93 53.41
N ASN A 105 -26.49 -9.31 56.09
CA ASN A 105 -25.08 -9.16 55.77
C ASN A 105 -24.63 -10.23 54.78
N ARG A 106 -25.20 -11.44 54.93
CA ARG A 106 -24.79 -12.61 54.17
C ARG A 106 -23.26 -12.80 54.13
N ARG A 107 -22.63 -12.78 55.30
CA ARG A 107 -21.17 -12.94 55.44
C ARG A 107 -20.61 -14.19 54.72
N HIS A 108 -21.49 -15.15 54.42
CA HIS A 108 -21.14 -16.35 53.63
C HIS A 108 -21.96 -16.43 52.33
N ILE A 109 -21.33 -16.04 51.22
CA ILE A 109 -22.00 -15.88 49.93
C ILE A 109 -21.62 -16.99 48.95
N ILE A 110 -22.51 -17.27 48.00
CA ILE A 110 -22.20 -18.14 46.88
C ILE A 110 -21.71 -17.27 45.73
N ASP A 111 -20.47 -17.51 45.31
CA ASP A 111 -19.71 -16.60 44.46
C ASP A 111 -19.73 -16.98 42.98
N ASN A 112 -20.39 -16.16 42.18
CA ASN A 112 -20.58 -16.40 40.74
C ASN A 112 -19.71 -15.55 39.83
N ARG A 113 -18.88 -14.68 40.42
CA ARG A 113 -17.94 -13.87 39.65
C ARG A 113 -17.06 -14.73 38.76
N VAL A 114 -16.74 -14.18 37.59
CA VAL A 114 -15.88 -14.86 36.66
C VAL A 114 -14.44 -14.55 37.06
N HIS A 115 -13.71 -15.57 37.47
CA HIS A 115 -12.36 -15.38 38.01
C HIS A 115 -11.26 -15.57 36.96
N CYS A 116 -11.65 -16.06 35.80
CA CYS A 116 -10.70 -16.27 34.72
C CYS A 116 -11.43 -16.37 33.40
N CYS A 117 -10.88 -15.69 32.40
CA CYS A 117 -11.44 -15.71 31.07
C CYS A 117 -10.38 -16.08 30.04
N PHE A 118 -10.54 -17.22 29.40
CA PHE A 118 -9.66 -17.62 28.30
C PHE A 118 -10.07 -16.91 27.02
N TYR A 119 -9.20 -16.04 26.52
CA TYR A 119 -9.47 -15.38 25.24
C TYR A 119 -8.87 -16.17 24.08
N PHE A 120 -9.72 -16.79 23.28
CA PHE A 120 -9.28 -17.65 22.17
C PHE A 120 -8.96 -16.81 20.94
N ILE A 121 -7.72 -16.94 20.48
CA ILE A 121 -7.21 -16.16 19.36
C ILE A 121 -7.02 -17.08 18.17
N SER A 122 -7.53 -16.65 17.01
CA SER A 122 -7.37 -17.43 15.79
C SER A 122 -5.90 -17.62 15.43
N PRO A 123 -5.53 -18.86 15.08
CA PRO A 123 -4.18 -19.14 14.61
C PRO A 123 -3.94 -18.53 13.21
N PHE A 124 -5.01 -18.11 12.54
CA PHE A 124 -4.93 -17.63 11.16
C PHE A 124 -4.58 -16.16 11.08
N GLY A 125 -4.37 -15.50 12.21
CA GLY A 125 -4.19 -14.07 12.22
C GLY A 125 -2.75 -13.60 12.30
N HIS A 126 -2.56 -12.30 12.11
CA HIS A 126 -1.27 -11.63 12.19
C HIS A 126 -0.81 -11.64 13.65
N GLY A 127 -1.78 -11.75 14.54
CA GLY A 127 -1.55 -11.64 15.97
C GLY A 127 -3.01 -11.38 16.26
N LEU A 128 -3.26 -10.42 17.13
CA LEU A 128 -4.61 -9.97 17.38
C LEU A 128 -5.23 -9.20 16.22
N LYS A 129 -6.34 -9.70 15.68
CA LYS A 129 -7.12 -8.97 14.68
C LYS A 129 -7.80 -7.78 15.36
N PRO A 130 -8.02 -6.67 14.63
CA PRO A 130 -8.72 -5.48 15.16
C PRO A 130 -9.93 -5.77 16.08
N LEU A 131 -10.77 -6.74 15.71
CA LEU A 131 -11.97 -7.07 16.50
C LEU A 131 -11.61 -7.70 17.85
N ASP A 132 -10.51 -8.45 17.87
CA ASP A 132 -9.99 -9.06 19.10
C ASP A 132 -9.55 -8.01 20.10
N VAL A 133 -8.82 -7.00 19.62
CA VAL A 133 -8.36 -5.89 20.43
C VAL A 133 -9.56 -5.14 21.04
N ALA A 134 -10.58 -4.90 20.22
CA ALA A 134 -11.83 -4.31 20.68
C ALA A 134 -12.44 -5.11 21.83
N PHE A 135 -12.64 -6.41 21.58
CA PHE A 135 -13.17 -7.35 22.55
C PHE A 135 -12.37 -7.37 23.85
N MET A 136 -11.07 -7.62 23.76
CA MET A 136 -10.22 -7.72 24.94
C MET A 136 -10.26 -6.44 25.75
N LYS A 137 -10.24 -5.29 25.07
CA LYS A 137 -10.29 -4.01 25.77
C LYS A 137 -11.68 -3.71 26.36
N ALA A 138 -12.71 -4.35 25.82
CA ALA A 138 -14.05 -4.21 26.37
C ALA A 138 -14.19 -4.92 27.72
N ILE A 139 -13.38 -5.94 27.95
CA ILE A 139 -13.52 -6.78 29.14
C ILE A 139 -12.32 -6.81 30.07
N HIS A 140 -11.17 -6.29 29.65
CA HIS A 140 -9.92 -6.47 30.41
C HIS A 140 -9.89 -5.76 31.76
N ASN A 141 -10.84 -4.86 31.99
CA ASN A 141 -10.99 -4.24 33.28
C ASN A 141 -12.01 -4.91 34.18
N LYS A 142 -12.66 -5.95 33.67
CA LYS A 142 -13.74 -6.63 34.38
C LYS A 142 -13.43 -8.09 34.69
N VAL A 143 -12.41 -8.64 34.04
CA VAL A 143 -12.06 -10.05 34.19
C VAL A 143 -10.58 -10.30 33.94
N ASN A 144 -10.01 -11.32 34.58
CA ASN A 144 -8.65 -11.75 34.28
C ASN A 144 -8.62 -12.47 32.96
N ILE A 145 -7.88 -11.91 32.00
CA ILE A 145 -7.76 -12.51 30.68
C ILE A 145 -6.53 -13.38 30.57
N VAL A 146 -6.73 -14.61 30.11
CA VAL A 146 -5.62 -15.47 29.69
C VAL A 146 -5.80 -15.72 28.21
N PRO A 147 -4.87 -15.25 27.37
CA PRO A 147 -5.02 -15.41 25.93
C PRO A 147 -4.53 -16.77 25.52
N VAL A 148 -5.27 -17.44 24.64
CA VAL A 148 -4.80 -18.71 24.10
C VAL A 148 -4.91 -18.72 22.58
N ILE A 149 -3.96 -19.40 21.95
CA ILE A 149 -3.99 -19.64 20.51
C ILE A 149 -4.81 -20.88 20.28
N ALA A 150 -5.96 -20.70 19.63
CA ALA A 150 -6.88 -21.77 19.35
C ALA A 150 -6.32 -22.72 18.27
N LYS A 151 -6.85 -23.95 18.27
CA LYS A 151 -6.57 -24.93 17.21
C LYS A 151 -5.11 -24.93 16.78
N ALA A 152 -4.21 -25.14 17.74
CA ALA A 152 -2.78 -25.05 17.52
C ALA A 152 -2.23 -26.12 16.58
N ASP A 153 -3.02 -27.16 16.33
CA ASP A 153 -2.62 -28.19 15.37
C ASP A 153 -2.61 -27.69 13.92
N THR A 154 -2.98 -26.42 13.74
CA THR A 154 -2.92 -25.77 12.43
C THR A 154 -1.59 -25.03 12.31
N LEU A 155 -0.80 -25.08 13.39
CA LEU A 155 0.43 -24.31 13.48
C LEU A 155 1.68 -25.15 13.72
N THR A 156 2.64 -24.97 12.83
CA THR A 156 4.02 -25.40 12.99
C THR A 156 4.64 -24.76 14.25
N LEU A 157 5.67 -25.38 14.82
CA LEU A 157 6.33 -24.81 16.02
C LEU A 157 6.93 -23.42 15.79
N LYS A 158 7.55 -23.19 14.63
CA LYS A 158 8.07 -21.85 14.31
C LYS A 158 6.92 -20.87 14.14
N GLU A 159 5.81 -21.36 13.60
CA GLU A 159 4.62 -20.55 13.38
C GLU A 159 3.97 -20.20 14.71
N ARG A 160 3.97 -21.18 15.62
CA ARG A 160 3.50 -20.97 17.00
C ARG A 160 4.30 -19.87 17.67
N GLU A 161 5.61 -19.89 17.46
CA GLU A 161 6.50 -18.96 18.12
C GLU A 161 6.42 -17.57 17.55
N ARG A 162 6.24 -17.51 16.23
CA ARG A 162 6.09 -16.24 15.56
C ARG A 162 4.80 -15.57 16.04
N LEU A 163 3.73 -16.35 16.18
CA LEU A 163 2.45 -15.86 16.64
C LEU A 163 2.49 -15.43 18.12
N LYS A 164 3.02 -16.30 18.97
CA LYS A 164 3.19 -16.01 20.39
C LYS A 164 3.85 -14.65 20.66
N LYS A 165 4.93 -14.36 19.95
CA LYS A 165 5.67 -13.11 20.11
C LYS A 165 4.79 -11.93 19.80
N ARG A 166 4.13 -11.97 18.66
CA ARG A 166 3.32 -10.85 18.21
C ARG A 166 2.14 -10.57 19.10
N ILE A 167 1.46 -11.64 19.51
CA ILE A 167 0.31 -11.50 20.37
C ILE A 167 0.76 -10.71 21.58
N LEU A 168 1.87 -11.14 22.19
CA LEU A 168 2.46 -10.43 23.33
C LEU A 168 2.85 -8.99 22.99
N ASP A 169 3.43 -8.80 21.81
CA ASP A 169 3.82 -7.47 21.35
C ASP A 169 2.63 -6.53 21.16
N GLU A 170 1.58 -7.03 20.51
CA GLU A 170 0.38 -6.23 20.24
C GLU A 170 -0.46 -6.02 21.49
N ILE A 171 -0.37 -6.94 22.44
CA ILE A 171 -1.02 -6.77 23.76
C ILE A 171 -0.41 -5.56 24.46
N GLU A 172 0.92 -5.47 24.42
CA GLU A 172 1.64 -4.32 24.96
C GLU A 172 1.37 -3.05 24.14
N GLU A 173 1.44 -3.15 22.81
CA GLU A 173 1.16 -2.01 21.95
C GLU A 173 -0.21 -1.38 22.25
N HIS A 174 -1.22 -2.21 22.49
CA HIS A 174 -2.58 -1.73 22.64
C HIS A 174 -3.00 -1.57 24.09
N SER A 175 -2.03 -1.66 25.00
CA SER A 175 -2.27 -1.52 26.43
C SER A 175 -3.38 -2.46 26.88
N ILE A 176 -3.30 -3.70 26.42
CA ILE A 176 -4.27 -4.69 26.84
C ILE A 176 -3.81 -5.31 28.15
N LYS A 177 -4.71 -5.28 29.13
CA LYS A 177 -4.44 -5.80 30.45
C LYS A 177 -4.73 -7.27 30.57
N ILE A 178 -3.71 -8.00 30.97
CA ILE A 178 -3.72 -9.44 30.95
C ILE A 178 -3.32 -9.94 32.33
N TYR A 179 -3.87 -11.08 32.70
CA TYR A 179 -3.52 -11.68 33.97
C TYR A 179 -2.06 -12.08 33.94
N HIS A 180 -1.30 -11.64 34.94
CA HIS A 180 0.07 -12.07 35.08
C HIS A 180 0.22 -12.97 36.28
N LEU A 181 1.02 -14.01 36.10
CA LEU A 181 1.27 -14.96 37.17
C LEU A 181 2.12 -14.32 38.27
N PRO A 182 1.81 -14.64 39.53
CA PRO A 182 2.72 -14.38 40.65
C PRO A 182 3.91 -15.36 40.60
N ASP A 183 4.92 -15.12 41.44
CA ASP A 183 6.07 -16.05 41.58
C ASP A 183 6.92 -15.74 42.81
N ALA A 184 7.67 -16.73 43.30
CA ALA A 184 8.58 -16.53 44.42
C ALA A 184 7.92 -16.03 45.70
N GLU A 185 6.95 -16.80 46.19
CA GLU A 185 6.27 -16.51 47.47
C GLU A 185 6.12 -15.02 47.78
N GLU A 188 11.18 -18.68 46.33
CA GLU A 188 11.47 -19.26 47.65
C GLU A 188 11.58 -20.79 47.63
N ASP A 189 11.19 -21.42 46.52
CA ASP A 189 11.30 -22.88 46.34
C ASP A 189 11.97 -23.24 44.99
N GLU A 190 12.50 -24.46 44.90
CA GLU A 190 13.12 -24.94 43.65
C GLU A 190 12.38 -25.60 42.49
N ASP A 191 11.52 -26.59 42.77
CA ASP A 191 10.68 -27.22 41.77
C ASP A 191 9.63 -26.26 41.23
N PHE A 192 9.15 -25.37 42.11
CA PHE A 192 8.18 -24.33 41.78
C PHE A 192 8.82 -23.24 40.92
N LYS A 193 10.05 -22.85 41.26
CA LYS A 193 10.83 -21.87 40.49
C LYS A 193 10.87 -22.16 38.99
N GLU A 194 11.02 -23.44 38.62
CA GLU A 194 11.03 -23.85 37.22
C GLU A 194 9.64 -23.80 36.61
N GLN A 195 8.70 -24.54 37.21
CA GLN A 195 7.32 -24.59 36.74
C GLN A 195 6.72 -23.20 36.58
N THR A 196 7.09 -22.27 37.47
CA THR A 196 6.58 -20.90 37.38
C THR A 196 7.14 -20.15 36.16
N ARG A 197 8.47 -20.13 36.02
CA ARG A 197 9.12 -19.46 34.89
C ARG A 197 8.73 -20.08 33.55
N LEU A 198 8.55 -21.41 33.55
CA LEU A 198 8.10 -22.13 32.36
C LEU A 198 6.72 -21.66 31.93
N LEU A 199 5.73 -21.85 32.79
CA LEU A 199 4.35 -21.45 32.50
C LEU A 199 4.27 -19.98 32.11
N LYS A 200 5.04 -19.14 32.79
CA LYS A 200 5.08 -17.71 32.52
C LYS A 200 5.60 -17.44 31.11
N ALA A 201 6.50 -18.30 30.66
CA ALA A 201 7.14 -18.17 29.35
C ALA A 201 6.28 -18.72 28.23
N SER A 202 5.47 -19.73 28.54
CA SER A 202 4.69 -20.42 27.52
C SER A 202 3.35 -19.75 27.19
N ILE A 203 3.19 -18.50 27.62
CA ILE A 203 1.98 -17.72 27.38
C ILE A 203 2.18 -16.77 26.19
N PRO A 204 1.22 -16.74 25.24
CA PRO A 204 -0.10 -17.39 25.23
C PRO A 204 -0.02 -18.87 24.87
N PHE A 205 -0.77 -19.69 25.59
CA PHE A 205 -0.78 -21.13 25.36
C PHE A 205 -1.39 -21.43 24.01
N SER A 206 -0.73 -22.29 23.26
CA SER A 206 -1.30 -22.80 22.02
C SER A 206 -1.91 -24.17 22.31
N VAL A 207 -3.23 -24.25 22.21
CA VAL A 207 -3.96 -25.43 22.63
C VAL A 207 -4.69 -26.17 21.50
N VAL A 208 -4.97 -27.45 21.76
CA VAL A 208 -5.74 -28.31 20.88
C VAL A 208 -6.80 -29.00 21.74
N GLY A 209 -8.04 -29.05 21.26
CA GLY A 209 -9.10 -29.73 21.97
C GLY A 209 -9.69 -30.86 21.15
N SER A 210 -10.18 -31.90 21.83
CA SER A 210 -10.83 -33.00 21.13
C SER A 210 -11.93 -33.67 21.92
N ASN A 211 -13.02 -33.92 21.22
CA ASN A 211 -14.20 -34.53 21.76
C ASN A 211 -14.17 -36.05 21.50
N GLN A 212 -13.12 -36.52 20.85
CA GLN A 212 -13.08 -37.90 20.37
C GLN A 212 -11.80 -38.65 20.74
N LEU A 213 -11.96 -39.95 20.94
CA LEU A 213 -10.89 -40.81 21.40
C LEU A 213 -10.41 -41.66 20.22
N ILE A 214 -9.11 -41.88 20.16
CA ILE A 214 -8.51 -42.63 19.06
C ILE A 214 -7.49 -43.63 19.60
N GLU A 215 -7.44 -44.81 18.97
CA GLU A 215 -6.64 -45.92 19.49
C GLU A 215 -5.24 -45.43 19.09
N ALA A 216 -4.44 -45.10 20.10
CA ALA A 216 -3.09 -44.59 19.89
C ALA A 216 -2.34 -45.62 20.75
N LYS A 217 -2.27 -46.85 20.24
CA LYS A 217 -1.53 -47.93 20.88
C LYS A 217 -1.49 -48.53 22.29
N GLY A 218 -2.64 -49.00 22.76
CA GLY A 218 -2.68 -49.73 24.04
C GLY A 218 -3.63 -49.03 24.99
N LYS A 219 -3.85 -47.72 24.74
CA LYS A 219 -4.83 -46.94 25.49
C LYS A 219 -5.40 -45.95 24.47
N LYS A 220 -6.69 -45.66 24.60
CA LYS A 220 -7.38 -44.68 23.75
C LYS A 220 -7.17 -43.26 24.27
N VAL A 221 -6.42 -42.45 23.52
CA VAL A 221 -6.12 -41.07 23.88
C VAL A 221 -6.77 -40.03 22.96
N ARG A 222 -7.25 -38.93 23.52
CA ARG A 222 -7.79 -37.83 22.71
C ARG A 222 -6.80 -36.79 22.22
N GLY A 223 -6.79 -36.53 20.91
CA GLY A 223 -7.63 -37.25 19.97
C GLY A 223 -7.88 -36.49 18.68
N ARG A 224 -6.90 -36.47 17.78
CA ARG A 224 -7.12 -35.85 16.47
C ARG A 224 -6.46 -36.72 15.40
N LEU A 225 -7.31 -37.42 14.66
CA LEU A 225 -6.87 -38.39 13.68
C LEU A 225 -6.82 -37.82 12.26
N TYR A 226 -5.59 -37.47 11.83
CA TYR A 226 -5.32 -37.08 10.44
C TYR A 226 -4.62 -38.24 9.70
N PRO A 227 -4.78 -38.32 8.36
CA PRO A 227 -4.07 -39.35 7.59
C PRO A 227 -2.52 -39.32 7.69
N TRP A 228 -1.94 -38.18 8.09
CA TRP A 228 -0.50 -38.06 8.25
C TRP A 228 -0.03 -38.17 9.71
N GLY A 229 -0.96 -38.45 10.61
CA GLY A 229 -0.62 -38.59 12.02
C GLY A 229 -1.74 -38.30 13.01
N VAL A 230 -1.43 -38.42 14.29
CA VAL A 230 -2.43 -38.19 15.31
C VAL A 230 -1.99 -37.13 16.32
N VAL A 231 -2.87 -36.16 16.55
CA VAL A 231 -2.63 -35.08 17.51
C VAL A 231 -3.20 -35.47 18.87
N GLU A 232 -2.35 -35.43 19.89
CA GLU A 232 -2.76 -35.79 21.23
C GLU A 232 -2.95 -34.53 22.06
N VAL A 233 -4.15 -34.36 22.59
CA VAL A 233 -4.50 -33.25 23.48
C VAL A 233 -3.54 -33.16 24.66
N GLU A 234 -3.24 -34.32 25.27
CA GLU A 234 -2.50 -34.37 26.52
C GLU A 234 -1.03 -34.71 26.36
N ASN A 235 -0.49 -34.43 25.18
CA ASN A 235 0.94 -34.55 24.93
C ASN A 235 1.60 -33.18 24.91
N PRO A 236 2.38 -32.86 25.97
CA PRO A 236 3.00 -31.54 26.12
C PRO A 236 3.85 -31.11 24.91
N GLU A 237 4.27 -32.08 24.10
CA GLU A 237 5.11 -31.79 22.95
C GLU A 237 4.27 -31.56 21.70
N HIS A 238 2.99 -31.92 21.77
CA HIS A 238 2.01 -31.63 20.72
C HIS A 238 1.38 -30.26 20.92
N ASN A 239 0.98 -29.94 22.16
CA ASN A 239 0.37 -28.65 22.49
C ASN A 239 0.40 -28.30 23.98
N ASP A 240 -0.12 -27.13 24.33
CA ASP A 240 0.02 -26.56 25.67
C ASP A 240 -1.21 -26.74 26.56
N PHE A 241 -2.02 -27.76 26.28
CA PHE A 241 -3.22 -28.05 27.08
C PHE A 241 -2.94 -28.29 28.56
N LEU A 242 -2.12 -29.31 28.89
CA LEU A 242 -1.79 -29.62 30.29
C LEU A 242 -1.20 -28.42 31.02
N LYS A 243 -0.35 -27.65 30.32
CA LYS A 243 0.23 -26.45 30.88
C LYS A 243 -0.86 -25.45 31.26
N LEU A 244 -1.85 -25.29 30.37
CA LEU A 244 -2.99 -24.41 30.63
C LEU A 244 -3.80 -24.91 31.81
N ARG A 245 -4.10 -26.21 31.78
CA ARG A 245 -4.88 -26.87 32.82
C ARG A 245 -4.20 -26.77 34.20
N THR A 246 -2.89 -27.03 34.26
CA THR A 246 -2.19 -27.00 35.53
C THR A 246 -1.97 -25.57 35.99
N MET A 247 -1.80 -24.65 35.03
CA MET A 247 -1.75 -23.23 35.34
C MET A 247 -3.04 -22.81 36.02
N LEU A 248 -4.16 -23.27 35.46
CA LEU A 248 -5.47 -22.94 35.99
C LEU A 248 -5.68 -23.51 37.40
N ILE A 249 -5.46 -24.82 37.57
CA ILE A 249 -5.64 -25.46 38.87
C ILE A 249 -4.78 -24.77 39.94
N THR A 250 -3.48 -24.68 39.67
CA THR A 250 -2.54 -24.18 40.67
C THR A 250 -2.63 -22.68 40.95
N HIS A 251 -3.40 -21.94 40.14
CA HIS A 251 -3.53 -20.49 40.35
C HIS A 251 -4.96 -20.03 40.59
N MET A 252 -5.87 -20.99 40.81
CA MET A 252 -7.28 -20.66 41.08
C MET A 252 -7.38 -19.62 42.17
N GLN A 253 -6.60 -19.81 43.22
CA GLN A 253 -6.65 -18.97 44.40
C GLN A 253 -6.20 -17.53 44.12
N ASP A 254 -5.11 -17.38 43.38
CA ASP A 254 -4.66 -16.05 43.02
C ASP A 254 -5.63 -15.34 42.08
N LEU A 255 -6.12 -16.06 41.07
CA LEU A 255 -7.09 -15.53 40.11
C LEU A 255 -8.33 -15.00 40.80
N GLN A 256 -8.70 -15.66 41.89
CA GLN A 256 -9.87 -15.34 42.67
C GLN A 256 -9.67 -14.06 43.47
N GLU A 257 -8.51 -13.95 44.10
CA GLU A 257 -8.19 -12.81 44.94
C GLU A 257 -8.09 -11.55 44.11
N VAL A 258 -7.44 -11.66 42.96
CA VAL A 258 -7.33 -10.55 42.01
C VAL A 258 -8.69 -10.03 41.51
N THR A 259 -9.63 -10.93 41.19
CA THR A 259 -10.95 -10.48 40.71
C THR A 259 -11.72 -9.81 41.85
N GLN A 260 -11.50 -10.30 43.07
CA GLN A 260 -12.04 -9.67 44.27
C GLN A 260 -11.43 -8.27 44.51
N ASP A 261 -10.09 -8.21 44.58
CA ASP A 261 -9.37 -6.97 44.93
C ASP A 261 -9.31 -5.90 43.85
N LEU A 262 -9.24 -6.32 42.58
CA LEU A 262 -9.14 -5.39 41.47
C LEU A 262 -10.31 -5.18 40.53
N HIS A 263 -11.05 -6.24 40.24
CA HIS A 263 -12.06 -6.18 39.19
C HIS A 263 -13.36 -5.88 39.90
N TYR A 264 -13.58 -6.57 41.01
CA TYR A 264 -14.81 -6.36 41.78
C TYR A 264 -14.84 -4.98 42.43
N GLU A 265 -13.70 -4.54 42.95
CA GLU A 265 -13.59 -3.21 43.54
C GLU A 265 -13.93 -2.08 42.56
N ASN A 266 -13.48 -2.20 41.30
CA ASN A 266 -13.83 -1.26 40.24
C ASN A 266 -15.29 -1.29 39.86
N PHE A 267 -15.95 -2.42 40.06
CA PHE A 267 -17.38 -2.50 39.88
C PHE A 267 -18.04 -1.73 41.01
N ARG A 268 -17.69 -2.12 42.22
CA ARG A 268 -18.14 -1.51 43.46
C ARG A 268 -17.91 0.00 43.46
N SER A 269 -16.76 0.40 42.92
CA SER A 269 -16.44 1.80 42.64
C SER A 269 -17.57 2.55 41.93
N GLU A 270 -18.02 2.03 40.80
CA GLU A 270 -19.01 2.73 39.97
C GLU A 270 -20.46 2.58 40.45
N ARG A 271 -20.84 1.38 40.90
CA ARG A 271 -22.24 1.15 41.22
C ARG A 271 -22.66 1.77 42.54
N LEU A 272 -21.78 1.76 43.54
CA LEU A 272 -22.11 2.37 44.82
C LEU A 272 -22.03 3.91 44.79
N LYS A 273 -21.66 4.46 43.64
CA LYS A 273 -21.48 5.91 43.46
C LYS A 273 -22.80 6.57 43.09
N LYS B 2 0.73 -15.45 -32.24
CA LYS B 2 -0.25 -15.06 -31.18
C LYS B 2 -0.29 -16.08 -30.04
N GLY B 3 -0.21 -15.59 -28.81
CA GLY B 3 -0.28 -16.47 -27.65
C GLY B 3 -1.68 -16.83 -27.18
N PHE B 4 -1.78 -17.95 -26.48
CA PHE B 4 -2.92 -18.31 -25.65
C PHE B 4 -2.70 -17.64 -24.27
N GLU B 5 -3.70 -16.94 -23.76
CA GLU B 5 -3.56 -16.26 -22.46
C GLU B 5 -4.67 -16.57 -21.45
N PHE B 6 -4.27 -16.91 -20.24
CA PHE B 6 -5.19 -17.32 -19.19
C PHE B 6 -4.89 -16.56 -17.91
N THR B 7 -5.95 -16.13 -17.22
CA THR B 7 -5.78 -15.41 -15.96
C THR B 7 -6.59 -16.04 -14.84
N LEU B 8 -5.89 -16.36 -13.76
CA LEU B 8 -6.45 -16.92 -12.54
C LEU B 8 -6.39 -15.90 -11.42
N MET B 9 -7.50 -15.75 -10.70
CA MET B 9 -7.52 -14.87 -9.52
C MET B 9 -7.74 -15.70 -8.27
N VAL B 10 -7.33 -15.15 -7.14
CA VAL B 10 -7.44 -15.83 -5.87
C VAL B 10 -7.94 -14.84 -4.83
N VAL B 11 -9.00 -15.23 -4.14
CA VAL B 11 -9.84 -14.30 -3.41
C VAL B 11 -10.36 -14.99 -2.15
N GLY B 12 -10.55 -14.21 -1.09
CA GLY B 12 -11.21 -14.73 0.10
C GLY B 12 -10.75 -14.03 1.36
N GLU B 13 -11.11 -14.60 2.52
CA GLU B 13 -10.71 -14.07 3.80
C GLU B 13 -9.19 -14.05 4.01
N SER B 14 -8.69 -13.01 4.68
CA SER B 14 -7.28 -12.89 4.99
C SER B 14 -6.78 -14.04 5.84
N GLY B 15 -5.51 -14.42 5.66
CA GLY B 15 -4.92 -15.52 6.43
C GLY B 15 -5.44 -16.92 6.11
N LEU B 16 -5.93 -17.13 4.89
CA LEU B 16 -6.39 -18.47 4.49
C LEU B 16 -5.37 -19.24 3.62
N GLY B 17 -4.16 -18.70 3.51
CA GLY B 17 -3.08 -19.36 2.77
C GLY B 17 -3.14 -19.15 1.27
N LYS B 18 -3.70 -18.01 0.86
CA LYS B 18 -3.99 -17.72 -0.55
C LYS B 18 -2.71 -17.53 -1.33
N SER B 19 -1.87 -16.61 -0.86
CA SER B 19 -0.57 -16.36 -1.49
C SER B 19 0.32 -17.59 -1.46
N THR B 20 0.21 -18.39 -0.40
CA THR B 20 1.05 -19.58 -0.27
C THR B 20 0.66 -20.59 -1.32
N LEU B 21 -0.63 -20.73 -1.58
CA LEU B 21 -1.10 -21.73 -2.52
C LEU B 21 -0.74 -21.41 -3.98
N ILE B 22 -0.78 -20.14 -4.36
CA ILE B 22 -0.49 -19.78 -5.74
C ILE B 22 1.00 -19.79 -6.04
N ASN B 23 1.79 -19.44 -5.03
CA ASN B 23 3.24 -19.54 -5.10
C ASN B 23 3.65 -20.99 -5.29
N SER B 24 2.78 -21.86 -4.80
CA SER B 24 2.99 -23.30 -4.83
C SER B 24 2.40 -23.93 -6.09
N LEU B 25 1.65 -23.15 -6.86
CA LEU B 25 0.76 -23.69 -7.90
C LEU B 25 1.35 -24.08 -9.27
N PHE B 26 1.97 -23.13 -9.96
CA PHE B 26 2.50 -23.38 -11.30
C PHE B 26 4.01 -23.55 -11.26
N LEU B 27 4.66 -22.72 -10.43
CA LEU B 27 6.10 -22.84 -10.19
C LEU B 27 6.25 -23.93 -9.13
N THR B 28 5.89 -25.15 -9.52
CA THR B 28 5.84 -26.31 -8.63
C THR B 28 7.20 -26.59 -8.00
N ASP B 29 8.17 -26.96 -8.84
CA ASP B 29 9.51 -27.32 -8.40
C ASP B 29 10.50 -26.16 -8.59
N LEU B 30 9.99 -24.98 -8.89
CA LEU B 30 10.84 -23.81 -9.15
C LEU B 30 10.73 -22.71 -8.09
N TYR B 31 11.66 -21.76 -8.13
CA TYR B 31 11.72 -20.67 -7.15
C TYR B 31 11.65 -19.30 -7.83
N LYS B 42 9.74 -13.06 1.80
CA LYS B 42 9.43 -14.00 2.87
C LYS B 42 7.98 -14.50 2.82
N ILE B 43 7.27 -14.11 1.75
CA ILE B 43 5.79 -14.23 1.66
C ILE B 43 4.83 -13.62 2.72
N GLU B 44 4.94 -12.32 2.89
CA GLU B 44 4.15 -11.56 3.84
C GLU B 44 2.74 -11.12 3.35
N ARG B 45 1.96 -10.51 4.23
CA ARG B 45 0.56 -10.10 3.92
C ARG B 45 0.39 -9.32 2.61
N THR B 46 -0.60 -9.72 1.82
CA THR B 46 -0.89 -9.06 0.55
C THR B 46 -1.64 -7.74 0.80
N VAL B 47 -1.03 -6.62 0.41
CA VAL B 47 -1.61 -5.30 0.64
C VAL B 47 -2.37 -4.78 -0.58
N GLN B 48 -1.70 -4.75 -1.73
CA GLN B 48 -2.34 -4.37 -2.98
C GLN B 48 -2.56 -5.60 -3.84
N ILE B 49 -3.43 -5.48 -4.84
CA ILE B 49 -3.56 -6.50 -5.87
C ILE B 49 -2.20 -6.70 -6.55
N GLU B 50 -1.80 -7.95 -6.69
CA GLU B 50 -0.49 -8.31 -7.27
C GLU B 50 -0.64 -9.38 -8.34
N ALA B 51 -0.52 -8.96 -9.59
CA ALA B 51 -0.45 -9.89 -10.70
C ALA B 51 0.99 -10.36 -10.88
N SER B 52 1.16 -11.65 -11.07
CA SER B 52 2.46 -12.17 -11.42
C SER B 52 2.28 -13.28 -12.45
N THR B 53 3.03 -13.17 -13.54
CA THR B 53 2.75 -13.94 -14.73
C THR B 53 3.89 -14.90 -15.11
N VAL B 54 3.51 -16.08 -15.60
CA VAL B 54 4.44 -17.04 -16.16
C VAL B 54 4.26 -17.05 -17.67
N GLU B 55 5.35 -16.82 -18.41
CA GLU B 55 5.33 -16.88 -19.87
C GLU B 55 6.12 -18.07 -20.41
N ILE B 56 5.41 -19.00 -21.05
CA ILE B 56 6.04 -20.19 -21.66
C ILE B 56 5.98 -20.15 -23.19
N GLU B 57 7.13 -19.98 -23.82
CA GLU B 57 7.27 -20.10 -25.27
C GLU B 57 8.08 -21.36 -25.60
N GLU B 58 7.40 -22.36 -26.15
CA GLU B 58 8.03 -23.57 -26.69
C GLU B 58 7.45 -23.93 -28.07
N ARG B 59 8.35 -24.06 -29.06
CA ARG B 59 7.99 -24.13 -30.49
C ARG B 59 7.09 -22.95 -30.85
N GLY B 60 6.00 -23.24 -31.57
CA GLY B 60 4.98 -22.24 -31.84
C GLY B 60 3.99 -21.92 -30.72
N VAL B 61 3.84 -22.85 -29.78
CA VAL B 61 2.87 -22.78 -28.67
C VAL B 61 3.43 -21.80 -27.63
N LYS B 62 2.84 -20.60 -27.59
CA LYS B 62 3.20 -19.57 -26.61
C LYS B 62 2.05 -19.30 -25.62
N LEU B 63 2.33 -19.49 -24.32
CA LEU B 63 1.36 -19.40 -23.25
C LEU B 63 1.62 -18.22 -22.33
N ARG B 64 0.55 -17.56 -21.89
CA ARG B 64 0.70 -16.60 -20.80
C ARG B 64 -0.27 -16.86 -19.64
N LEU B 65 0.27 -17.41 -18.56
CA LEU B 65 -0.53 -17.71 -17.39
C LEU B 65 -0.31 -16.62 -16.36
N THR B 66 -1.39 -15.91 -16.05
CA THR B 66 -1.34 -14.85 -15.08
C THR B 66 -2.06 -15.26 -13.81
N VAL B 67 -1.45 -14.95 -12.67
CA VAL B 67 -2.06 -15.20 -11.38
C VAL B 67 -2.25 -13.89 -10.63
N VAL B 68 -3.51 -13.57 -10.32
CA VAL B 68 -3.83 -12.34 -9.62
C VAL B 68 -4.12 -12.60 -8.15
N ASP B 69 -3.18 -12.17 -7.32
CA ASP B 69 -3.30 -12.28 -5.86
C ASP B 69 -4.01 -11.06 -5.34
N THR B 70 -4.92 -11.27 -4.40
CA THR B 70 -5.68 -10.18 -3.84
C THR B 70 -5.51 -10.14 -2.32
N PRO B 71 -5.58 -8.94 -1.72
CA PRO B 71 -5.67 -8.83 -0.26
C PRO B 71 -7.01 -9.35 0.29
N GLY B 72 -6.94 -10.20 1.32
CA GLY B 72 -8.13 -10.73 1.98
C GLY B 72 -8.79 -9.70 2.89
N TYR B 73 -9.97 -10.04 3.41
CA TYR B 73 -10.73 -9.13 4.27
C TYR B 73 -10.61 -9.48 5.77
N GLY B 74 -10.97 -8.52 6.63
CA GLY B 74 -11.07 -8.75 8.08
C GLY B 74 -9.93 -8.25 8.98
N ASP B 75 -8.79 -7.88 8.37
CA ASP B 75 -7.60 -7.43 9.13
C ASP B 75 -6.89 -6.22 8.51
N ALA B 76 -7.18 -5.03 9.03
CA ALA B 76 -6.75 -3.74 8.44
C ALA B 76 -7.13 -3.62 6.95
N ILE B 77 -8.36 -4.06 6.67
CA ILE B 77 -9.06 -3.97 5.38
C ILE B 77 -10.41 -4.37 5.97
N ASN B 78 -11.42 -4.55 5.12
CA ASN B 78 -12.75 -4.89 5.65
C ASN B 78 -13.43 -5.29 4.35
N CYS B 79 -14.51 -6.05 4.49
CA CYS B 79 -15.31 -6.52 3.36
C CYS B 79 -15.72 -5.42 2.38
N ARG B 80 -16.09 -4.27 2.94
CA ARG B 80 -16.50 -3.09 2.17
C ARG B 80 -15.50 -2.69 1.06
N ASP B 81 -14.22 -2.62 1.43
CA ASP B 81 -13.19 -2.13 0.54
C ASP B 81 -12.57 -3.24 -0.30
N CYS B 82 -12.42 -4.40 0.33
CA CYS B 82 -11.88 -5.59 -0.30
C CYS B 82 -12.68 -5.97 -1.55
N PHE B 83 -14.01 -5.95 -1.43
CA PHE B 83 -14.94 -6.17 -2.54
C PHE B 83 -14.79 -5.28 -3.76
N LYS B 84 -14.73 -3.98 -3.52
CA LYS B 84 -14.81 -2.98 -4.58
C LYS B 84 -13.48 -3.01 -5.31
N THR B 85 -12.40 -3.18 -4.56
CA THR B 85 -11.07 -3.39 -5.10
C THR B 85 -11.07 -4.51 -6.14
N ILE B 86 -11.67 -5.63 -5.78
CA ILE B 86 -11.66 -6.82 -6.63
C ILE B 86 -12.62 -6.73 -7.80
N ILE B 87 -13.83 -6.24 -7.56
CA ILE B 87 -14.80 -6.01 -8.64
C ILE B 87 -14.26 -4.96 -9.61
N SER B 88 -13.69 -3.90 -9.06
CA SER B 88 -13.09 -2.83 -9.86
C SER B 88 -12.05 -3.38 -10.83
N TYR B 89 -11.21 -4.27 -10.33
CA TYR B 89 -10.18 -4.92 -11.14
C TYR B 89 -10.77 -5.74 -12.29
N ILE B 90 -11.76 -6.58 -11.99
CA ILE B 90 -12.40 -7.42 -13.01
C ILE B 90 -13.10 -6.60 -14.08
N ASP B 91 -13.82 -5.57 -13.64
CA ASP B 91 -14.47 -4.60 -14.51
C ASP B 91 -13.48 -3.99 -15.50
N GLU B 92 -12.35 -3.54 -14.97
CA GLU B 92 -11.31 -2.92 -15.78
C GLU B 92 -10.96 -3.82 -16.96
N GLN B 93 -10.67 -5.07 -16.65
CA GLN B 93 -10.26 -6.02 -17.68
C GLN B 93 -11.35 -6.22 -18.73
N PHE B 94 -12.62 -6.19 -18.31
CA PHE B 94 -13.74 -6.20 -19.26
C PHE B 94 -13.78 -4.90 -20.08
N GLU B 95 -13.57 -3.76 -19.41
CA GLU B 95 -13.53 -2.46 -20.08
C GLU B 95 -12.41 -2.41 -21.10
N ARG B 96 -11.23 -2.86 -20.70
CA ARG B 96 -10.05 -2.90 -21.59
C ARG B 96 -10.30 -3.76 -22.82
N TYR B 97 -10.99 -4.88 -22.62
CA TYR B 97 -11.26 -5.77 -23.70
C TYR B 97 -12.16 -5.10 -24.72
N LEU B 98 -13.24 -4.47 -24.25
CA LEU B 98 -14.18 -3.74 -25.10
C LEU B 98 -13.42 -2.66 -25.85
N HIS B 99 -12.70 -1.82 -25.12
CA HIS B 99 -11.89 -0.77 -25.72
C HIS B 99 -10.97 -1.28 -26.84
N ASP B 100 -10.40 -2.46 -26.67
CA ASP B 100 -9.52 -3.03 -27.68
C ASP B 100 -10.35 -3.60 -28.82
N GLU B 101 -11.24 -4.54 -28.48
CA GLU B 101 -12.12 -5.22 -29.42
C GLU B 101 -13.04 -4.35 -30.27
N SER B 102 -13.81 -3.50 -29.60
CA SER B 102 -14.75 -2.57 -30.25
C SER B 102 -14.55 -1.20 -29.60
N GLY B 103 -13.51 -0.47 -30.02
CA GLY B 103 -12.52 -0.99 -30.96
C GLY B 103 -11.59 0.08 -31.51
N LEU B 104 -11.37 0.02 -32.82
CA LEU B 104 -11.95 -1.02 -33.67
C LEU B 104 -10.83 -1.72 -34.45
N ASN B 105 -9.61 -1.60 -33.94
CA ASN B 105 -8.43 -2.14 -34.63
C ASN B 105 -8.21 -3.64 -34.45
N ARG B 106 -8.21 -4.10 -33.20
CA ARG B 106 -8.12 -5.53 -32.86
C ARG B 106 -6.92 -6.20 -33.51
N ARG B 107 -5.76 -5.56 -33.47
CA ARG B 107 -4.52 -6.06 -34.09
C ARG B 107 -4.30 -7.49 -33.60
N HIS B 108 -4.33 -7.63 -32.27
CA HIS B 108 -4.24 -8.91 -31.58
C HIS B 108 -4.76 -8.19 -30.34
N ILE B 109 -5.34 -8.93 -29.41
CA ILE B 109 -6.03 -8.34 -28.27
C ILE B 109 -5.30 -9.23 -27.29
N ILE B 110 -4.67 -8.62 -26.29
CA ILE B 110 -4.16 -9.37 -25.16
C ILE B 110 -5.34 -9.55 -24.21
N ASP B 111 -5.53 -10.78 -23.73
CA ASP B 111 -6.69 -11.09 -22.92
C ASP B 111 -6.35 -11.06 -21.43
N ASN B 112 -6.75 -9.97 -20.78
CA ASN B 112 -6.52 -9.81 -19.36
C ASN B 112 -7.70 -10.20 -18.49
N ARG B 113 -8.80 -10.61 -19.10
CA ARG B 113 -9.97 -11.06 -18.36
C ARG B 113 -9.61 -12.19 -17.39
N VAL B 114 -10.25 -12.17 -16.23
CA VAL B 114 -10.08 -13.19 -15.24
C VAL B 114 -10.97 -14.37 -15.63
N HIS B 115 -10.35 -15.51 -15.94
CA HIS B 115 -11.09 -16.66 -16.44
C HIS B 115 -11.43 -17.67 -15.35
N CYS B 116 -10.91 -17.44 -14.16
CA CYS B 116 -11.16 -18.33 -13.04
C CYS B 116 -10.81 -17.65 -11.75
N CYS B 117 -11.69 -17.81 -10.77
CA CYS B 117 -11.47 -17.25 -9.46
C CYS B 117 -11.64 -18.33 -8.40
N PHE B 118 -10.56 -18.60 -7.67
CA PHE B 118 -10.62 -19.49 -6.53
C PHE B 118 -11.12 -18.74 -5.31
N TYR B 119 -12.31 -19.08 -4.83
CA TYR B 119 -12.84 -18.50 -3.60
C TYR B 119 -12.45 -19.34 -2.38
N PHE B 120 -11.53 -18.81 -1.58
CA PHE B 120 -11.00 -19.51 -0.41
C PHE B 120 -11.92 -19.40 0.79
N ILE B 121 -12.34 -20.54 1.33
CA ILE B 121 -13.33 -20.57 2.41
C ILE B 121 -12.66 -21.07 3.67
N SER B 122 -12.85 -20.35 4.77
CA SER B 122 -12.26 -20.77 6.05
C SER B 122 -12.74 -22.16 6.46
N PRO B 123 -11.80 -23.01 6.90
CA PRO B 123 -12.16 -24.32 7.43
C PRO B 123 -12.85 -24.22 8.79
N PHE B 124 -12.83 -23.03 9.39
CA PHE B 124 -13.35 -22.83 10.72
C PHE B 124 -14.82 -22.47 10.74
N GLY B 125 -15.45 -22.39 9.57
CA GLY B 125 -16.83 -21.94 9.51
C GLY B 125 -17.86 -23.05 9.47
N HIS B 126 -19.13 -22.64 9.55
CA HIS B 126 -20.28 -23.53 9.47
C HIS B 126 -20.48 -24.00 8.03
N GLY B 127 -19.87 -23.28 7.10
CA GLY B 127 -20.13 -23.45 5.69
C GLY B 127 -19.70 -22.09 5.21
N LEU B 128 -20.53 -21.43 4.40
CA LEU B 128 -20.22 -20.07 4.00
C LEU B 128 -20.61 -19.03 5.04
N LYS B 129 -19.61 -18.36 5.61
CA LYS B 129 -19.86 -17.16 6.40
C LYS B 129 -20.74 -16.17 5.64
N PRO B 130 -21.65 -15.46 6.35
CA PRO B 130 -22.45 -14.41 5.71
C PRO B 130 -21.62 -13.51 4.81
N LEU B 131 -20.45 -13.08 5.28
CA LEU B 131 -19.51 -12.30 4.46
C LEU B 131 -19.07 -13.01 3.17
N ASP B 132 -18.83 -14.32 3.26
CA ASP B 132 -18.49 -15.11 2.08
C ASP B 132 -19.61 -15.06 1.06
N VAL B 133 -20.84 -15.23 1.52
CA VAL B 133 -22.02 -15.20 0.66
C VAL B 133 -22.12 -13.84 -0.01
N ALA B 134 -21.92 -12.76 0.76
CA ALA B 134 -21.95 -11.42 0.21
C ALA B 134 -20.91 -11.27 -0.90
N PHE B 135 -19.69 -11.67 -0.59
CA PHE B 135 -18.56 -11.60 -1.52
C PHE B 135 -18.85 -12.38 -2.80
N MET B 136 -19.14 -13.68 -2.65
CA MET B 136 -19.40 -14.55 -3.80
C MET B 136 -20.50 -13.99 -4.68
N LYS B 137 -21.58 -13.49 -4.07
CA LYS B 137 -22.69 -12.93 -4.84
C LYS B 137 -22.33 -11.60 -5.50
N ALA B 138 -21.37 -10.87 -4.92
CA ALA B 138 -20.88 -9.65 -5.54
C ALA B 138 -20.13 -9.92 -6.86
N ILE B 139 -19.55 -11.10 -7.00
CA ILE B 139 -18.68 -11.40 -8.13
C ILE B 139 -19.14 -12.56 -9.02
N HIS B 140 -20.12 -13.34 -8.58
CA HIS B 140 -20.47 -14.58 -9.28
C HIS B 140 -21.05 -14.37 -10.69
N ASN B 141 -21.29 -13.12 -11.06
CA ASN B 141 -21.79 -12.83 -12.39
C ASN B 141 -20.75 -12.20 -13.28
N LYS B 142 -19.56 -12.03 -12.74
CA LYS B 142 -18.46 -11.45 -13.47
C LYS B 142 -17.32 -12.44 -13.70
N VAL B 143 -17.29 -13.50 -12.91
CA VAL B 143 -16.16 -14.41 -12.92
C VAL B 143 -16.58 -15.85 -12.59
N ASN B 144 -15.87 -16.83 -13.14
CA ASN B 144 -16.10 -18.23 -12.80
C ASN B 144 -15.52 -18.55 -11.43
N ILE B 145 -16.39 -18.89 -10.49
CA ILE B 145 -15.98 -19.17 -9.13
C ILE B 145 -15.71 -20.64 -8.92
N VAL B 146 -14.52 -20.96 -8.44
CA VAL B 146 -14.25 -22.29 -7.92
C VAL B 146 -14.01 -22.16 -6.41
N PRO B 147 -14.88 -22.77 -5.60
CA PRO B 147 -14.72 -22.61 -4.16
C PRO B 147 -13.73 -23.62 -3.61
N VAL B 148 -12.84 -23.16 -2.74
CA VAL B 148 -11.91 -24.08 -2.08
C VAL B 148 -11.90 -23.90 -0.56
N ILE B 149 -11.79 -25.04 0.13
CA ILE B 149 -11.58 -25.04 1.57
C ILE B 149 -10.09 -24.82 1.85
N ALA B 150 -9.79 -23.69 2.47
CA ALA B 150 -8.44 -23.31 2.76
C ALA B 150 -7.87 -24.14 3.92
N LYS B 151 -6.54 -24.22 3.98
CA LYS B 151 -5.83 -24.84 5.09
C LYS B 151 -6.47 -26.15 5.59
N ALA B 152 -6.70 -27.06 4.65
CA ALA B 152 -7.41 -28.31 4.93
C ALA B 152 -6.70 -29.23 5.92
N ASP B 153 -5.44 -28.94 6.23
CA ASP B 153 -4.71 -29.72 7.23
C ASP B 153 -5.20 -29.41 8.65
N THR B 154 -6.15 -28.49 8.74
CA THR B 154 -6.81 -28.21 10.02
C THR B 154 -8.06 -29.08 10.15
N LEU B 155 -8.35 -29.84 9.10
CA LEU B 155 -9.56 -30.63 9.01
C LEU B 155 -9.36 -32.14 8.87
N THR B 156 -9.98 -32.86 9.77
CA THR B 156 -10.18 -34.30 9.69
C THR B 156 -10.95 -34.66 8.41
N LEU B 157 -10.84 -35.90 7.93
CA LEU B 157 -11.58 -36.32 6.73
C LEU B 157 -13.12 -36.25 6.87
N LYS B 158 -13.64 -36.67 8.03
CA LYS B 158 -15.07 -36.51 8.31
C LYS B 158 -15.45 -35.03 8.38
N GLU B 159 -14.53 -34.23 8.92
CA GLU B 159 -14.74 -32.80 9.02
C GLU B 159 -14.73 -32.15 7.66
N ARG B 160 -13.82 -32.58 6.80
CA ARG B 160 -13.77 -32.15 5.40
C ARG B 160 -15.09 -32.42 4.70
N GLU B 161 -15.63 -33.59 4.95
CA GLU B 161 -16.82 -34.06 4.29
C GLU B 161 -18.07 -33.35 4.76
N ARG B 162 -18.12 -33.10 6.06
CA ARG B 162 -19.23 -32.37 6.65
C ARG B 162 -19.24 -30.94 6.10
N LEU B 163 -18.07 -30.33 5.97
CA LEU B 163 -17.94 -28.98 5.43
C LEU B 163 -18.29 -28.91 3.94
N LYS B 164 -17.70 -29.82 3.15
CA LYS B 164 -17.98 -29.91 1.71
C LYS B 164 -19.48 -29.93 1.43
N LYS B 165 -20.23 -30.73 2.18
CA LYS B 165 -21.65 -30.91 1.93
C LYS B 165 -22.38 -29.58 2.11
N ARG B 166 -22.16 -28.96 3.25
CA ARG B 166 -22.75 -27.68 3.61
C ARG B 166 -22.46 -26.55 2.66
N ILE B 167 -21.16 -26.41 2.32
CA ILE B 167 -20.76 -25.37 1.40
C ILE B 167 -21.61 -25.51 0.14
N LEU B 168 -21.68 -26.72 -0.42
CA LEU B 168 -22.56 -27.03 -1.55
C LEU B 168 -24.03 -26.74 -1.28
N ASP B 169 -24.50 -27.12 -0.09
CA ASP B 169 -25.89 -26.86 0.33
C ASP B 169 -26.20 -25.38 0.41
N GLU B 170 -25.30 -24.61 1.03
CA GLU B 170 -25.52 -23.18 1.20
C GLU B 170 -25.32 -22.39 -0.09
N ILE B 171 -24.47 -22.92 -0.98
CA ILE B 171 -24.30 -22.35 -2.33
C ILE B 171 -25.63 -22.41 -3.08
N GLU B 172 -26.29 -23.56 -2.97
CA GLU B 172 -27.63 -23.73 -3.54
C GLU B 172 -28.71 -22.91 -2.83
N GLU B 173 -28.71 -22.94 -1.49
CA GLU B 173 -29.64 -22.13 -0.72
C GLU B 173 -29.58 -20.65 -1.12
N HIS B 174 -28.38 -20.14 -1.36
CA HIS B 174 -28.22 -18.71 -1.58
C HIS B 174 -28.15 -18.33 -3.04
N SER B 175 -28.44 -19.30 -3.90
CA SER B 175 -28.41 -19.11 -5.34
C SER B 175 -27.06 -18.55 -5.80
N ILE B 176 -25.99 -19.09 -5.25
CA ILE B 176 -24.65 -18.69 -5.63
C ILE B 176 -24.23 -19.44 -6.87
N LYS B 177 -23.79 -18.67 -7.87
CA LYS B 177 -23.42 -19.23 -9.16
C LYS B 177 -21.98 -19.61 -9.20
N ILE B 178 -21.75 -20.86 -9.55
CA ILE B 178 -20.46 -21.47 -9.46
C ILE B 178 -20.11 -22.12 -10.78
N TYR B 179 -18.82 -22.21 -11.08
CA TYR B 179 -18.39 -22.89 -12.28
C TYR B 179 -18.66 -24.39 -12.16
N HIS B 180 -19.39 -24.93 -13.12
CA HIS B 180 -19.58 -26.38 -13.22
C HIS B 180 -18.70 -26.96 -14.30
N LEU B 181 -18.10 -28.10 -14.02
CA LEU B 181 -17.33 -28.81 -15.04
C LEU B 181 -18.28 -29.40 -16.06
N PRO B 182 -17.95 -29.25 -17.35
CA PRO B 182 -18.75 -29.86 -18.41
C PRO B 182 -18.66 -31.38 -18.32
N ASP B 183 -19.73 -32.05 -18.76
CA ASP B 183 -19.69 -33.48 -18.95
C ASP B 183 -18.80 -33.82 -20.15
N ALA B 184 -18.17 -34.98 -20.12
CA ALA B 184 -17.38 -35.46 -21.27
C ALA B 184 -18.27 -36.16 -22.28
N GLU B 190 -13.56 -43.37 -22.26
CA GLU B 190 -14.11 -44.42 -21.41
C GLU B 190 -13.67 -44.26 -19.95
N ASP B 191 -12.40 -43.89 -19.76
CA ASP B 191 -11.83 -43.69 -18.42
C ASP B 191 -11.66 -42.21 -18.09
N PHE B 192 -11.60 -41.37 -19.12
CA PHE B 192 -11.60 -39.92 -18.94
C PHE B 192 -12.95 -39.49 -18.39
N LYS B 193 -13.98 -40.29 -18.69
CA LYS B 193 -15.33 -40.12 -18.15
C LYS B 193 -15.35 -40.32 -16.64
N GLU B 194 -14.44 -41.14 -16.14
CA GLU B 194 -14.30 -41.39 -14.70
C GLU B 194 -13.55 -40.26 -13.98
N GLN B 195 -12.72 -39.53 -14.72
CA GLN B 195 -11.95 -38.41 -14.16
C GLN B 195 -12.86 -37.21 -13.87
N THR B 196 -13.60 -36.78 -14.88
CA THR B 196 -14.56 -35.67 -14.74
C THR B 196 -15.75 -36.02 -13.82
N ARG B 197 -15.77 -37.26 -13.32
CA ARG B 197 -16.79 -37.69 -12.39
C ARG B 197 -16.37 -37.35 -10.96
N LEU B 198 -15.16 -37.81 -10.58
CA LEU B 198 -14.61 -37.58 -9.25
C LEU B 198 -14.13 -36.14 -9.05
N LEU B 199 -13.50 -35.59 -10.07
CA LEU B 199 -13.05 -34.20 -10.08
C LEU B 199 -14.22 -33.27 -9.78
N LYS B 200 -15.40 -33.67 -10.23
CA LYS B 200 -16.62 -32.91 -10.05
C LYS B 200 -17.20 -33.10 -8.65
N ALA B 201 -16.94 -34.26 -8.04
CA ALA B 201 -17.51 -34.63 -6.75
C ALA B 201 -16.67 -34.19 -5.55
N SER B 202 -15.38 -33.98 -5.76
CA SER B 202 -14.48 -33.50 -4.71
C SER B 202 -14.64 -32.00 -4.46
N ILE B 203 -15.34 -31.32 -5.37
CA ILE B 203 -15.65 -29.90 -5.25
C ILE B 203 -16.61 -29.67 -4.09
N PRO B 204 -16.29 -28.74 -3.17
CA PRO B 204 -15.13 -27.84 -3.16
C PRO B 204 -13.86 -28.51 -2.66
N PHE B 205 -12.77 -28.28 -3.40
CA PHE B 205 -11.47 -28.86 -3.09
C PHE B 205 -10.97 -28.36 -1.75
N SER B 206 -10.50 -29.29 -0.92
CA SER B 206 -9.85 -28.92 0.32
C SER B 206 -8.33 -29.00 0.12
N VAL B 207 -7.68 -27.84 0.17
CA VAL B 207 -6.28 -27.72 -0.23
C VAL B 207 -5.33 -27.32 0.91
N VAL B 208 -4.06 -27.66 0.72
CA VAL B 208 -2.99 -27.26 1.62
C VAL B 208 -1.89 -26.64 0.77
N GLY B 209 -1.33 -25.53 1.23
CA GLY B 209 -0.21 -24.90 0.52
C GLY B 209 1.02 -24.84 1.40
N SER B 210 2.19 -24.89 0.76
CA SER B 210 3.45 -24.74 1.48
C SER B 210 4.53 -24.07 0.68
N ASN B 211 5.16 -23.09 1.31
CA ASN B 211 6.26 -22.37 0.70
C ASN B 211 7.59 -22.97 1.16
N GLN B 212 7.57 -24.24 1.56
CA GLN B 212 8.74 -24.93 2.12
C GLN B 212 8.63 -26.43 1.98
N LEU B 213 9.76 -27.08 1.66
CA LEU B 213 9.78 -28.52 1.43
C LEU B 213 10.77 -29.38 2.20
N ILE B 214 10.32 -30.54 2.65
CA ILE B 214 11.13 -31.53 3.36
C ILE B 214 11.05 -33.00 2.93
N GLU B 215 12.17 -33.54 2.43
CA GLU B 215 12.26 -34.97 2.12
C GLU B 215 12.97 -35.74 3.24
N VAL B 221 9.68 -33.16 -1.10
CA VAL B 221 8.27 -32.75 -1.12
C VAL B 221 7.96 -31.62 -0.14
N ARG B 222 7.13 -30.70 -0.60
CA ARG B 222 6.54 -29.66 0.23
C ARG B 222 5.20 -30.16 0.78
N GLY B 223 4.90 -29.89 2.06
CA GLY B 223 5.84 -29.29 2.99
C GLY B 223 5.09 -28.71 4.17
N ARG B 224 4.71 -29.56 5.13
CA ARG B 224 4.18 -29.04 6.40
C ARG B 224 4.66 -29.96 7.54
N LEU B 225 5.64 -29.45 8.30
CA LEU B 225 6.30 -30.23 9.34
C LEU B 225 5.74 -29.97 10.75
N TYR B 226 4.89 -30.89 11.21
CA TYR B 226 4.35 -30.88 12.56
C TYR B 226 5.03 -31.97 13.40
N PRO B 227 5.14 -31.77 14.74
CA PRO B 227 5.70 -32.82 15.59
C PRO B 227 5.00 -34.18 15.52
N TRP B 228 3.75 -34.23 15.07
CA TRP B 228 3.00 -35.48 14.96
C TRP B 228 2.96 -36.04 13.53
N GLY B 229 3.63 -35.37 12.60
CA GLY B 229 3.64 -35.84 11.22
C GLY B 229 3.92 -34.77 10.19
N VAL B 230 3.95 -35.17 8.94
CA VAL B 230 4.23 -34.23 7.86
C VAL B 230 3.12 -34.21 6.81
N VAL B 231 2.66 -33.01 6.47
CA VAL B 231 1.62 -32.81 5.47
C VAL B 231 2.29 -32.55 4.12
N GLU B 232 1.92 -33.36 3.14
CA GLU B 232 2.45 -33.22 1.79
C GLU B 232 1.44 -32.54 0.88
N VAL B 233 1.84 -31.40 0.33
CA VAL B 233 1.02 -30.66 -0.63
C VAL B 233 0.57 -31.57 -1.78
N GLU B 234 1.51 -32.35 -2.32
CA GLU B 234 1.25 -33.11 -3.55
C GLU B 234 0.88 -34.58 -3.32
N ASN B 235 0.33 -34.87 -2.15
CA ASN B 235 -0.17 -36.21 -1.83
C ASN B 235 -1.70 -36.22 -1.88
N PRO B 236 -2.28 -36.83 -2.92
CA PRO B 236 -3.73 -36.84 -3.11
C PRO B 236 -4.52 -37.31 -1.88
N GLU B 237 -3.88 -38.09 -1.02
CA GLU B 237 -4.54 -38.64 0.16
C GLU B 237 -4.41 -37.72 1.37
N HIS B 238 -3.55 -36.70 1.24
CA HIS B 238 -3.40 -35.66 2.22
C HIS B 238 -4.34 -34.50 1.94
N ASN B 239 -4.40 -34.06 0.67
CA ASN B 239 -5.28 -32.97 0.27
C ASN B 239 -5.58 -32.94 -1.24
N ASP B 240 -6.35 -31.96 -1.68
CA ASP B 240 -6.89 -31.95 -3.04
C ASP B 240 -6.17 -30.98 -3.98
N PHE B 241 -4.94 -30.60 -3.63
CA PHE B 241 -4.14 -29.70 -4.46
C PHE B 241 -4.02 -30.19 -5.92
N LEU B 242 -3.71 -31.47 -6.10
CA LEU B 242 -3.51 -32.02 -7.43
C LEU B 242 -4.80 -32.11 -8.21
N LYS B 243 -5.87 -32.53 -7.54
CA LYS B 243 -7.20 -32.50 -8.15
C LYS B 243 -7.58 -31.07 -8.56
N LEU B 244 -7.25 -30.09 -7.73
CA LEU B 244 -7.48 -28.68 -8.04
C LEU B 244 -6.68 -28.21 -9.26
N ARG B 245 -5.40 -28.54 -9.30
CA ARG B 245 -4.54 -28.03 -10.37
C ARG B 245 -4.81 -28.71 -11.70
N THR B 246 -4.98 -30.02 -11.68
CA THR B 246 -5.24 -30.72 -12.94
C THR B 246 -6.59 -30.29 -13.49
N MET B 247 -7.53 -30.02 -12.58
CA MET B 247 -8.82 -29.45 -12.96
C MET B 247 -8.59 -28.13 -13.69
N LEU B 248 -7.72 -27.29 -13.12
CA LEU B 248 -7.38 -26.02 -13.73
C LEU B 248 -6.75 -26.18 -15.12
N ILE B 249 -5.63 -26.91 -15.20
CA ILE B 249 -4.93 -27.12 -16.47
C ILE B 249 -5.88 -27.65 -17.54
N THR B 250 -6.56 -28.75 -17.24
CA THR B 250 -7.37 -29.45 -18.23
C THR B 250 -8.66 -28.73 -18.56
N HIS B 251 -9.01 -27.67 -17.84
CA HIS B 251 -10.23 -26.94 -18.14
C HIS B 251 -10.01 -25.46 -18.45
N MET B 252 -8.76 -25.08 -18.68
CA MET B 252 -8.43 -23.69 -19.01
C MET B 252 -9.26 -23.19 -20.18
N GLN B 253 -9.46 -24.06 -21.15
CA GLN B 253 -10.11 -23.71 -22.40
C GLN B 253 -11.61 -23.47 -22.18
N ASP B 254 -12.25 -24.33 -21.42
CA ASP B 254 -13.66 -24.15 -21.12
C ASP B 254 -13.91 -22.92 -20.26
N LEU B 255 -13.07 -22.73 -19.24
CA LEU B 255 -13.16 -21.59 -18.34
C LEU B 255 -13.07 -20.26 -19.08
N GLN B 256 -12.27 -20.27 -20.13
CA GLN B 256 -12.01 -19.12 -20.98
C GLN B 256 -13.21 -18.80 -21.85
N GLU B 257 -13.81 -19.84 -22.44
CA GLU B 257 -14.94 -19.67 -23.34
C GLU B 257 -16.16 -19.16 -22.57
N VAL B 258 -16.35 -19.70 -21.37
CA VAL B 258 -17.46 -19.30 -20.51
C VAL B 258 -17.37 -17.82 -20.09
N THR B 259 -16.17 -17.34 -19.76
CA THR B 259 -16.04 -15.95 -19.36
C THR B 259 -16.26 -15.03 -20.56
N GLN B 260 -15.86 -15.50 -21.74
CA GLN B 260 -16.13 -14.79 -23.00
C GLN B 260 -17.64 -14.72 -23.28
N ASP B 261 -18.31 -15.87 -23.20
CA ASP B 261 -19.70 -15.95 -23.63
C ASP B 261 -20.65 -15.45 -22.56
N LEU B 262 -20.49 -15.91 -21.35
CA LEU B 262 -21.37 -15.46 -20.30
C LEU B 262 -21.07 -14.21 -19.50
N HIS B 263 -19.83 -14.07 -19.07
CA HIS B 263 -19.48 -13.01 -18.13
C HIS B 263 -19.16 -11.76 -18.92
N TYR B 264 -18.39 -11.92 -20.00
CA TYR B 264 -18.05 -10.80 -20.83
C TYR B 264 -19.25 -10.27 -21.62
N GLU B 265 -20.02 -11.18 -22.19
CA GLU B 265 -21.21 -10.82 -22.96
C GLU B 265 -22.30 -10.18 -22.09
N ASN B 266 -22.43 -10.61 -20.83
CA ASN B 266 -23.31 -9.93 -19.89
C ASN B 266 -22.82 -8.52 -19.59
N PHE B 267 -21.50 -8.34 -19.55
CA PHE B 267 -20.90 -7.03 -19.32
C PHE B 267 -21.10 -6.16 -20.56
N ARG B 268 -20.68 -6.71 -21.70
CA ARG B 268 -20.74 -6.02 -22.97
C ARG B 268 -22.18 -5.61 -23.30
N SER B 269 -23.07 -6.60 -23.34
CA SER B 269 -24.45 -6.42 -23.76
C SER B 269 -25.21 -5.44 -22.88
N GLU B 270 -24.83 -5.37 -21.60
CA GLU B 270 -25.61 -4.61 -20.62
C GLU B 270 -25.30 -3.12 -20.63
N ARG B 271 -24.05 -2.73 -20.86
CA ARG B 271 -23.68 -1.32 -20.85
C ARG B 271 -24.11 -0.59 -22.12
N LEU B 272 -23.82 -1.18 -23.28
CA LEU B 272 -24.22 -0.61 -24.58
C LEU B 272 -25.75 -0.48 -24.65
N LYS B 273 -26.44 -1.63 -24.57
CA LYS B 273 -27.90 -1.71 -24.63
C LYS B 273 -28.54 -1.66 -23.24
N LYS C 2 -32.72 31.70 -7.85
CA LYS C 2 -32.52 30.54 -8.77
C LYS C 2 -31.04 30.19 -8.86
N GLY C 3 -30.60 29.34 -7.92
CA GLY C 3 -29.19 29.01 -7.72
C GLY C 3 -28.52 28.15 -8.76
N PHE C 4 -27.19 28.16 -8.73
CA PHE C 4 -26.33 27.43 -9.67
C PHE C 4 -24.97 27.25 -9.01
N GLU C 5 -24.52 26.00 -8.90
CA GLU C 5 -23.28 25.74 -8.21
C GLU C 5 -22.30 24.96 -9.09
N PHE C 6 -21.03 25.35 -9.00
CA PHE C 6 -19.97 24.67 -9.73
C PHE C 6 -18.70 24.57 -8.92
N THR C 7 -18.34 23.37 -8.52
CA THR C 7 -17.07 23.18 -7.81
C THR C 7 -16.00 22.54 -8.70
N LEU C 8 -14.81 23.12 -8.66
CA LEU C 8 -13.68 22.52 -9.32
C LEU C 8 -12.57 22.22 -8.33
N MET C 9 -11.87 21.13 -8.55
CA MET C 9 -10.80 20.75 -7.67
C MET C 9 -9.48 20.80 -8.42
N VAL C 10 -8.40 20.95 -7.66
CA VAL C 10 -7.07 20.99 -8.21
C VAL C 10 -6.18 20.04 -7.42
N VAL C 11 -5.52 19.15 -8.13
CA VAL C 11 -4.91 17.97 -7.52
C VAL C 11 -3.61 17.61 -8.23
N GLY C 12 -2.66 17.07 -7.46
CA GLY C 12 -1.42 16.57 -8.04
C GLY C 12 -0.24 16.67 -7.10
N GLU C 13 0.96 16.51 -7.65
CA GLU C 13 2.19 16.52 -6.87
C GLU C 13 2.45 17.92 -6.29
N SER C 14 3.05 17.95 -5.10
CA SER C 14 3.38 19.19 -4.43
C SER C 14 4.38 19.98 -5.22
N GLY C 15 4.34 21.30 -5.07
CA GLY C 15 5.29 22.18 -5.75
C GLY C 15 5.08 22.39 -7.24
N LEU C 16 3.89 22.09 -7.75
CA LEU C 16 3.61 22.26 -9.20
C LEU C 16 2.84 23.54 -9.60
N GLY C 17 2.65 24.45 -8.65
CA GLY C 17 1.98 25.72 -8.92
C GLY C 17 0.48 25.63 -8.76
N LYS C 18 0.00 24.60 -8.06
CA LYS C 18 -1.42 24.33 -7.96
C LYS C 18 -2.19 25.53 -7.42
N SER C 19 -1.80 25.99 -6.25
CA SER C 19 -2.41 27.15 -5.59
C SER C 19 -2.24 28.41 -6.42
N THR C 20 -1.03 28.62 -6.93
CA THR C 20 -0.76 29.78 -7.79
C THR C 20 -1.79 29.89 -8.91
N LEU C 21 -2.01 28.80 -9.64
CA LEU C 21 -2.99 28.78 -10.75
C LEU C 21 -4.39 29.06 -10.23
N ILE C 22 -4.67 28.59 -9.02
CA ILE C 22 -6.01 28.69 -8.47
C ILE C 22 -6.39 30.14 -8.12
N ASN C 23 -5.46 30.86 -7.49
CA ASN C 23 -5.64 32.28 -7.21
C ASN C 23 -5.82 33.03 -8.52
N SER C 24 -5.17 32.51 -9.55
CA SER C 24 -5.05 33.14 -10.86
C SER C 24 -6.27 32.83 -11.78
N LEU C 25 -7.21 32.03 -11.29
CA LEU C 25 -8.29 31.50 -12.13
C LEU C 25 -9.67 32.17 -12.20
N PHE C 26 -10.30 32.36 -11.05
CA PHE C 26 -11.62 33.00 -11.01
C PHE C 26 -11.39 34.39 -10.43
N LEU C 27 -10.38 34.51 -9.56
CA LEU C 27 -10.28 35.64 -8.65
C LEU C 27 -9.47 36.83 -9.22
N THR C 28 -9.40 36.89 -10.56
CA THR C 28 -8.65 37.91 -11.30
C THR C 28 -9.18 39.33 -11.04
N ILE C 43 1.06 33.01 -0.60
CA ILE C 43 0.64 31.61 -0.53
C ILE C 43 1.80 30.67 -0.18
N GLU C 44 1.52 29.70 0.67
CA GLU C 44 2.49 28.68 1.06
C GLU C 44 2.00 27.27 0.70
N ARG C 45 2.73 26.26 1.16
CA ARG C 45 2.36 24.87 0.94
C ARG C 45 0.97 24.64 1.52
N THR C 46 0.06 24.16 0.68
CA THR C 46 -1.28 23.79 1.12
C THR C 46 -1.15 22.61 2.09
N VAL C 47 -1.56 22.83 3.33
CA VAL C 47 -1.39 21.85 4.42
C VAL C 47 -2.60 20.90 4.53
N GLN C 48 -3.75 21.35 4.04
CA GLN C 48 -4.99 20.59 4.10
C GLN C 48 -5.92 21.08 3.00
N ILE C 49 -6.92 20.29 2.63
CA ILE C 49 -7.91 20.71 1.65
C ILE C 49 -8.46 22.08 2.02
N GLU C 50 -8.59 22.97 1.03
CA GLU C 50 -9.03 24.34 1.27
C GLU C 50 -9.98 24.83 0.19
N ALA C 51 -11.28 24.87 0.53
CA ALA C 51 -12.26 25.39 -0.39
C ALA C 51 -12.29 26.92 -0.35
N SER C 52 -12.20 27.55 -1.52
CA SER C 52 -12.30 29.00 -1.60
C SER C 52 -13.41 29.38 -2.57
N THR C 53 -14.45 30.03 -2.05
CA THR C 53 -15.68 30.19 -2.81
C THR C 53 -15.95 31.62 -3.33
N VAL C 54 -16.83 31.71 -4.32
CA VAL C 54 -17.35 32.98 -4.83
C VAL C 54 -18.83 32.77 -5.13
N GLU C 55 -19.71 33.38 -4.33
CA GLU C 55 -21.13 33.42 -4.72
C GLU C 55 -21.59 34.82 -5.16
N ILE C 56 -22.19 34.85 -6.34
CA ILE C 56 -22.70 36.08 -6.89
C ILE C 56 -24.21 36.01 -6.89
N GLU C 57 -24.83 37.03 -6.28
CA GLU C 57 -26.27 37.14 -6.21
C GLU C 57 -26.73 38.49 -6.80
N GLU C 58 -27.31 38.42 -8.00
CA GLU C 58 -27.83 39.61 -8.69
C GLU C 58 -29.24 39.33 -9.19
N ARG C 59 -30.16 40.25 -8.90
CA ARG C 59 -31.57 40.08 -9.20
C ARG C 59 -32.04 38.76 -8.63
N GLY C 60 -32.62 37.94 -9.51
CA GLY C 60 -33.04 36.58 -9.14
C GLY C 60 -32.07 35.44 -9.40
N VAL C 61 -30.91 35.80 -9.96
CA VAL C 61 -29.84 34.86 -10.32
C VAL C 61 -28.77 34.78 -9.22
N LYS C 62 -28.47 33.57 -8.77
CA LYS C 62 -27.42 33.34 -7.76
C LYS C 62 -26.38 32.29 -8.18
N LEU C 63 -25.24 32.77 -8.69
CA LEU C 63 -24.13 31.89 -9.08
C LEU C 63 -23.29 31.55 -7.85
N ARG C 64 -22.72 30.35 -7.82
CA ARG C 64 -21.77 29.97 -6.78
C ARG C 64 -20.65 29.09 -7.38
N LEU C 65 -19.42 29.57 -7.29
CA LEU C 65 -18.30 28.87 -7.86
C LEU C 65 -17.33 28.54 -6.76
N THR C 66 -17.10 27.24 -6.54
CA THR C 66 -16.12 26.83 -5.55
C THR C 66 -14.87 26.26 -6.20
N VAL C 67 -13.73 26.64 -5.65
CA VAL C 67 -12.46 26.09 -6.06
C VAL C 67 -11.85 25.35 -4.88
N VAL C 68 -11.58 24.06 -5.07
CA VAL C 68 -11.03 23.24 -4.01
C VAL C 68 -9.53 23.04 -4.22
N ASP C 69 -8.75 23.62 -3.31
CA ASP C 69 -7.32 23.46 -3.32
C ASP C 69 -6.97 22.28 -2.43
N THR C 70 -6.03 21.46 -2.89
CA THR C 70 -5.62 20.28 -2.14
C THR C 70 -4.11 20.28 -1.96
N PRO C 71 -3.61 19.77 -0.83
CA PRO C 71 -2.18 19.58 -0.64
C PRO C 71 -1.61 18.52 -1.58
N GLY C 72 -0.54 18.86 -2.30
CA GLY C 72 0.11 17.94 -3.22
C GLY C 72 0.93 16.88 -2.50
N TYR C 73 1.18 15.77 -3.18
CA TYR C 73 1.92 14.66 -2.56
C TYR C 73 3.44 14.83 -2.69
N GLY C 74 4.17 14.22 -1.76
CA GLY C 74 5.63 14.27 -1.70
C GLY C 74 6.71 14.86 -0.79
N ASP C 75 6.24 15.73 0.15
CA ASP C 75 7.16 16.51 0.99
C ASP C 75 6.32 16.51 2.26
N ALA C 76 6.69 15.61 3.19
CA ALA C 76 5.94 15.36 4.42
C ALA C 76 4.46 15.04 4.11
N ILE C 77 4.27 14.05 3.23
CA ILE C 77 2.95 13.49 2.88
C ILE C 77 3.30 12.26 2.04
N ASN C 78 2.33 11.36 1.97
CA ASN C 78 2.48 10.10 1.26
C ASN C 78 1.50 10.25 0.12
N CYS C 79 1.79 9.64 -1.03
CA CYS C 79 0.84 9.63 -2.14
C CYS C 79 -0.43 8.91 -1.72
N ARG C 80 -0.27 7.72 -1.10
CA ARG C 80 -1.42 6.91 -0.65
C ARG C 80 -2.32 7.68 0.33
N ASP C 81 -1.70 8.29 1.35
CA ASP C 81 -2.43 9.05 2.34
C ASP C 81 -3.14 10.24 1.71
N CYS C 82 -2.48 10.82 0.70
CA CYS C 82 -2.93 12.04 0.05
C CYS C 82 -4.19 11.83 -0.77
N PHE C 83 -4.21 10.81 -1.62
CA PHE C 83 -5.42 10.60 -2.42
C PHE C 83 -6.53 9.96 -1.59
N LYS C 84 -6.18 9.47 -0.40
CA LYS C 84 -7.18 9.00 0.55
C LYS C 84 -7.97 10.18 1.11
N THR C 85 -7.29 11.26 1.46
CA THR C 85 -7.97 12.46 1.97
C THR C 85 -8.77 13.17 0.85
N ILE C 86 -8.23 13.15 -0.37
CA ILE C 86 -8.94 13.68 -1.53
C ILE C 86 -10.18 12.86 -1.89
N ILE C 87 -10.03 11.53 -1.97
CA ILE C 87 -11.17 10.63 -2.20
C ILE C 87 -12.22 10.81 -1.11
N SER C 88 -11.76 10.88 0.14
CA SER C 88 -12.63 11.06 1.29
C SER C 88 -13.52 12.29 1.12
N TYR C 89 -12.91 13.40 0.71
CA TYR C 89 -13.61 14.65 0.46
C TYR C 89 -14.67 14.53 -0.63
N ILE C 90 -14.35 13.88 -1.74
CA ILE C 90 -15.30 13.91 -2.84
C ILE C 90 -16.48 12.97 -2.61
N ASP C 91 -16.26 11.91 -1.82
CA ASP C 91 -17.34 11.02 -1.39
C ASP C 91 -18.24 11.74 -0.40
N GLU C 92 -17.60 12.52 0.49
CA GLU C 92 -18.29 13.39 1.43
C GLU C 92 -19.38 14.21 0.72
N GLN C 93 -19.04 14.78 -0.43
CA GLN C 93 -19.97 15.65 -1.15
C GLN C 93 -21.07 14.87 -1.86
N PHE C 94 -20.75 13.64 -2.25
CA PHE C 94 -21.76 12.73 -2.78
C PHE C 94 -22.80 12.37 -1.71
N GLU C 95 -22.34 12.05 -0.50
CA GLU C 95 -23.24 11.66 0.60
C GLU C 95 -24.22 12.76 0.99
N ARG C 96 -23.75 14.01 0.99
CA ARG C 96 -24.61 15.16 1.21
C ARG C 96 -25.69 15.27 0.14
N TYR C 97 -25.30 15.20 -1.13
CA TYR C 97 -26.29 15.31 -2.21
C TYR C 97 -27.36 14.23 -2.10
N LEU C 98 -26.94 13.00 -1.74
CA LEU C 98 -27.85 11.86 -1.58
C LEU C 98 -28.81 12.06 -0.41
N HIS C 99 -28.24 12.46 0.72
CA HIS C 99 -29.00 12.84 1.90
C HIS C 99 -29.99 13.95 1.56
N ASP C 100 -29.50 15.01 0.90
CA ASP C 100 -30.33 16.13 0.53
C ASP C 100 -31.40 15.75 -0.48
N GLU C 101 -31.06 14.85 -1.41
CA GLU C 101 -31.96 14.42 -2.48
C GLU C 101 -33.26 13.78 -1.97
N SER C 102 -33.30 13.49 -0.67
CA SER C 102 -34.49 12.93 -0.03
C SER C 102 -35.43 14.04 0.42
N ARG C 106 -36.87 16.99 -4.85
CA ARG C 106 -36.01 18.17 -4.89
C ARG C 106 -34.73 17.92 -5.68
N ARG C 107 -34.51 18.74 -6.71
CA ARG C 107 -33.25 18.73 -7.46
C ARG C 107 -32.53 20.08 -7.37
N HIS C 108 -33.30 21.14 -7.10
CA HIS C 108 -32.73 22.42 -6.67
C HIS C 108 -32.22 22.08 -5.24
N ILE C 109 -30.92 21.79 -5.16
CA ILE C 109 -30.24 21.52 -3.91
C ILE C 109 -28.92 22.29 -4.02
N ILE C 110 -28.29 22.57 -2.88
CA ILE C 110 -26.94 23.14 -2.90
C ILE C 110 -25.94 22.03 -3.29
N ASP C 111 -25.44 22.11 -4.52
CA ASP C 111 -24.56 21.10 -5.07
C ASP C 111 -23.08 21.34 -4.69
N ASN C 112 -22.53 20.46 -3.84
CA ASN C 112 -21.10 20.53 -3.48
C ASN C 112 -20.21 19.50 -4.18
N ARG C 113 -20.81 18.65 -5.02
CA ARG C 113 -20.06 17.69 -5.82
C ARG C 113 -18.97 18.38 -6.63
N VAL C 114 -17.86 17.67 -6.80
CA VAL C 114 -16.75 18.19 -7.56
C VAL C 114 -17.01 17.85 -9.02
N HIS C 115 -17.20 18.89 -9.85
CA HIS C 115 -17.60 18.66 -11.24
C HIS C 115 -16.41 18.62 -12.20
N CYS C 116 -15.25 18.99 -11.71
CA CYS C 116 -14.06 18.99 -12.53
C CYS C 116 -12.82 18.95 -11.65
N CYS C 117 -11.86 18.13 -12.05
CA CYS C 117 -10.64 17.99 -11.30
C CYS C 117 -9.47 18.16 -12.24
N PHE C 118 -8.68 19.21 -12.01
CA PHE C 118 -7.47 19.42 -12.79
C PHE C 118 -6.32 18.60 -12.22
N TYR C 119 -5.83 17.63 -12.99
CA TYR C 119 -4.70 16.83 -12.55
C TYR C 119 -3.37 17.39 -13.02
N PHE C 120 -2.60 17.94 -12.09
CA PHE C 120 -1.35 18.62 -12.42
C PHE C 120 -0.21 17.63 -12.59
N ILE C 121 0.34 17.60 -13.79
CA ILE C 121 1.42 16.68 -14.12
C ILE C 121 2.73 17.44 -14.21
N SER C 122 3.77 16.93 -13.56
CA SER C 122 5.08 17.59 -13.59
C SER C 122 5.62 17.62 -15.00
N PRO C 123 6.23 18.76 -15.40
CA PRO C 123 6.87 18.87 -16.71
C PRO C 123 8.29 18.26 -16.73
N PHE C 124 8.67 17.61 -15.64
CA PHE C 124 10.04 17.16 -15.45
C PHE C 124 10.28 15.70 -15.80
N GLY C 125 9.24 14.92 -16.07
CA GLY C 125 9.42 13.50 -16.36
C GLY C 125 9.18 13.05 -17.79
N HIS C 126 9.32 11.74 -18.01
CA HIS C 126 9.04 11.09 -19.29
C HIS C 126 7.56 11.14 -19.70
N GLY C 127 6.68 11.34 -18.73
CA GLY C 127 5.26 11.44 -18.98
C GLY C 127 4.68 11.36 -17.60
N LEU C 128 3.61 10.58 -17.47
CA LEU C 128 3.07 10.26 -16.17
C LEU C 128 4.03 9.45 -15.30
N LYS C 129 4.08 9.77 -14.01
CA LYS C 129 4.87 9.00 -13.05
C LYS C 129 4.02 7.88 -12.42
N PRO C 130 4.66 6.80 -11.92
CA PRO C 130 3.86 5.73 -11.32
C PRO C 130 2.87 6.23 -10.26
N LEU C 131 3.28 7.15 -9.40
CA LEU C 131 2.38 7.75 -8.42
C LEU C 131 1.24 8.52 -9.07
N ASP C 132 1.48 9.10 -10.24
CA ASP C 132 0.44 9.83 -10.98
C ASP C 132 -0.65 8.88 -11.47
N VAL C 133 -0.23 7.75 -12.02
CA VAL C 133 -1.15 6.73 -12.53
C VAL C 133 -1.95 6.14 -11.38
N ALA C 134 -1.30 5.89 -10.25
CA ALA C 134 -1.98 5.43 -9.05
C ALA C 134 -3.08 6.42 -8.64
N PHE C 135 -2.68 7.68 -8.42
CA PHE C 135 -3.57 8.77 -8.06
C PHE C 135 -4.76 8.89 -9.03
N MET C 136 -4.47 9.04 -10.32
CA MET C 136 -5.51 9.26 -11.32
C MET C 136 -6.49 8.12 -11.31
N LYS C 137 -5.98 6.89 -11.24
CA LYS C 137 -6.86 5.71 -11.20
C LYS C 137 -7.63 5.57 -9.88
N ALA C 138 -7.14 6.22 -8.83
CA ALA C 138 -7.83 6.24 -7.56
C ALA C 138 -9.09 7.10 -7.60
N ILE C 139 -9.13 8.06 -8.52
CA ILE C 139 -10.20 9.05 -8.52
C ILE C 139 -10.98 9.15 -9.84
N HIS C 140 -10.47 8.52 -10.90
CA HIS C 140 -11.05 8.70 -12.24
C HIS C 140 -12.49 8.16 -12.41
N ASN C 141 -12.93 7.36 -11.46
CA ASN C 141 -14.32 6.90 -11.42
C ASN C 141 -15.22 7.77 -10.54
N LYS C 142 -14.63 8.76 -9.90
CA LYS C 142 -15.37 9.58 -8.95
C LYS C 142 -15.46 11.05 -9.36
N VAL C 143 -14.63 11.45 -10.32
CA VAL C 143 -14.54 12.84 -10.74
C VAL C 143 -14.10 12.94 -12.21
N ASN C 144 -14.56 13.99 -12.91
CA ASN C 144 -14.04 14.32 -14.24
C ASN C 144 -12.62 14.87 -14.15
N ILE C 145 -11.69 14.15 -14.78
CA ILE C 145 -10.28 14.54 -14.75
C ILE C 145 -9.93 15.32 -16.01
N VAL C 146 -9.30 16.46 -15.80
CA VAL C 146 -8.64 17.20 -16.88
C VAL C 146 -7.16 17.28 -16.55
N PRO C 147 -6.30 16.63 -17.35
CA PRO C 147 -4.87 16.63 -17.04
C PRO C 147 -4.23 17.91 -17.55
N VAL C 148 -3.37 18.51 -16.75
CA VAL C 148 -2.63 19.66 -17.22
C VAL C 148 -1.15 19.51 -16.90
N ILE C 149 -0.33 20.00 -17.83
CA ILE C 149 1.10 20.08 -17.61
C ILE C 149 1.38 21.35 -16.81
N ALA C 150 1.87 21.15 -15.59
CA ALA C 150 2.22 22.24 -14.70
C ALA C 150 3.50 22.98 -15.08
N LYS C 151 3.53 24.28 -14.77
CA LYS C 151 4.74 25.10 -14.91
C LYS C 151 5.33 24.92 -16.32
N ALA C 152 4.50 25.19 -17.33
CA ALA C 152 4.89 24.99 -18.73
C ALA C 152 6.01 25.91 -19.21
N ASP C 153 6.29 26.95 -18.44
CA ASP C 153 7.43 27.82 -18.76
C ASP C 153 8.80 27.15 -18.53
N THR C 154 8.77 25.88 -18.12
CA THR C 154 9.97 25.06 -18.01
C THR C 154 10.16 24.28 -19.30
N LEU C 155 9.19 24.39 -20.21
CA LEU C 155 9.13 23.55 -21.40
C LEU C 155 9.14 24.31 -22.72
N THR C 156 10.09 23.95 -23.56
CA THR C 156 10.15 24.31 -24.95
C THR C 156 8.90 23.80 -25.68
N LEU C 157 8.51 24.42 -26.79
CA LEU C 157 7.36 23.95 -27.56
C LEU C 157 7.48 22.49 -28.02
N LYS C 158 8.65 22.08 -28.49
CA LYS C 158 8.87 20.68 -28.90
C LYS C 158 8.79 19.75 -27.71
N GLU C 159 9.24 20.25 -26.56
CA GLU C 159 9.21 19.51 -25.31
C GLU C 159 7.78 19.40 -24.81
N ARG C 160 7.02 20.48 -24.99
CA ARG C 160 5.60 20.47 -24.69
C ARG C 160 4.88 19.41 -25.49
N GLU C 161 5.22 19.33 -26.77
CA GLU C 161 4.57 18.41 -27.68
C GLU C 161 4.97 16.97 -27.43
N ARG C 162 6.23 16.77 -27.08
CA ARG C 162 6.71 15.43 -26.81
C ARG C 162 5.98 14.90 -25.58
N LEU C 163 5.81 15.78 -24.58
CA LEU C 163 5.15 15.42 -23.32
C LEU C 163 3.66 15.17 -23.52
N LYS C 164 2.98 16.08 -24.22
CA LYS C 164 1.55 15.96 -24.50
C LYS C 164 1.17 14.61 -25.11
N LYS C 165 1.92 14.18 -26.13
CA LYS C 165 1.70 12.88 -26.76
C LYS C 165 1.80 11.73 -25.78
N ARG C 166 2.87 11.69 -24.99
CA ARG C 166 3.09 10.60 -24.07
C ARG C 166 2.07 10.50 -22.97
N ILE C 167 1.72 11.65 -22.41
CA ILE C 167 0.69 11.71 -21.40
C ILE C 167 -0.56 11.05 -21.95
N LEU C 168 -0.99 11.47 -23.15
CA LEU C 168 -2.13 10.86 -23.82
C LEU C 168 -1.94 9.37 -24.06
N ASP C 169 -0.73 8.98 -24.47
CA ASP C 169 -0.40 7.59 -24.77
C ASP C 169 -0.47 6.70 -23.53
N GLU C 170 0.09 7.19 -22.44
CA GLU C 170 0.11 6.47 -21.18
C GLU C 170 -1.25 6.48 -20.50
N ILE C 171 -2.06 7.51 -20.75
CA ILE C 171 -3.44 7.55 -20.26
C ILE C 171 -4.20 6.39 -20.89
N GLU C 172 -4.02 6.20 -22.19
CA GLU C 172 -4.61 5.07 -22.90
C GLU C 172 -4.02 3.74 -22.43
N GLU C 173 -2.69 3.64 -22.37
CA GLU C 173 -2.04 2.41 -21.93
C GLU C 173 -2.55 1.93 -20.57
N HIS C 174 -2.78 2.87 -19.66
CA HIS C 174 -3.17 2.52 -18.29
C HIS C 174 -4.66 2.59 -18.04
N SER C 175 -5.44 2.68 -19.12
CA SER C 175 -6.88 2.75 -19.04
C SER C 175 -7.33 3.80 -18.05
N ILE C 176 -6.71 4.98 -18.13
CA ILE C 176 -7.10 6.10 -17.28
C ILE C 176 -8.27 6.85 -17.91
N LYS C 177 -9.35 6.96 -17.16
CA LYS C 177 -10.56 7.65 -17.61
C LYS C 177 -10.49 9.14 -17.43
N ILE C 178 -10.63 9.83 -18.55
CA ILE C 178 -10.45 11.27 -18.60
C ILE C 178 -11.67 11.90 -19.21
N TYR C 179 -11.96 13.13 -18.78
CA TYR C 179 -13.10 13.86 -19.31
C TYR C 179 -12.89 14.20 -20.78
N HIS C 180 -13.91 13.93 -21.59
CA HIS C 180 -13.88 14.29 -23.01
C HIS C 180 -14.90 15.37 -23.31
N LEU C 181 -14.48 16.38 -24.06
CA LEU C 181 -15.39 17.43 -24.47
C LEU C 181 -16.35 16.85 -25.50
N PRO C 182 -17.65 17.15 -25.36
CA PRO C 182 -18.70 16.70 -26.28
C PRO C 182 -18.40 17.11 -27.73
N ASP C 183 -19.05 16.43 -28.68
CA ASP C 183 -18.89 16.73 -30.11
C ASP C 183 -19.65 17.98 -30.53
N ASP C 189 -22.74 25.62 -35.29
CA ASP C 189 -22.31 26.94 -35.71
C ASP C 189 -21.06 26.88 -36.61
N GLU C 190 -20.70 28.02 -37.17
CA GLU C 190 -19.57 28.11 -38.10
C GLU C 190 -18.20 28.09 -37.41
N ASP C 191 -17.97 29.08 -36.54
CA ASP C 191 -16.70 29.24 -35.83
C ASP C 191 -16.56 28.22 -34.72
N PHE C 192 -17.68 27.67 -34.26
CA PHE C 192 -17.71 26.71 -33.15
C PHE C 192 -17.13 25.33 -33.50
N LYS C 193 -17.11 25.01 -34.80
CA LYS C 193 -16.60 23.72 -35.27
C LYS C 193 -15.06 23.61 -35.25
N GLU C 194 -14.38 24.73 -34.96
CA GLU C 194 -12.94 24.71 -34.76
C GLU C 194 -12.53 24.95 -33.29
N GLN C 195 -13.35 25.71 -32.55
CA GLN C 195 -13.10 25.92 -31.13
C GLN C 195 -13.07 24.58 -30.38
N THR C 196 -14.05 23.73 -30.67
CA THR C 196 -14.14 22.40 -30.08
C THR C 196 -13.11 21.42 -30.65
N ARG C 197 -12.51 21.77 -31.78
CA ARG C 197 -11.47 20.97 -32.41
C ARG C 197 -10.10 21.37 -31.87
N LEU C 198 -9.89 22.67 -31.72
CA LEU C 198 -8.63 23.22 -31.24
C LEU C 198 -8.42 22.91 -29.76
N LEU C 199 -9.47 23.10 -28.96
CA LEU C 199 -9.40 22.85 -27.53
C LEU C 199 -9.25 21.37 -27.20
N LYS C 200 -9.82 20.51 -28.03
CA LYS C 200 -9.81 19.07 -27.79
C LYS C 200 -8.44 18.47 -28.09
N ALA C 201 -7.71 19.06 -29.02
CA ALA C 201 -6.36 18.61 -29.36
C ALA C 201 -5.29 19.31 -28.51
N SER C 202 -5.72 20.23 -27.64
CA SER C 202 -4.83 21.00 -26.76
C SER C 202 -4.63 20.37 -25.38
N ILE C 203 -5.59 19.56 -24.97
CA ILE C 203 -5.54 18.86 -23.68
C ILE C 203 -4.71 17.59 -23.87
N PRO C 204 -3.68 17.39 -23.02
CA PRO C 204 -3.37 18.10 -21.77
C PRO C 204 -2.84 19.52 -21.97
N PHE C 205 -3.53 20.50 -21.40
CA PHE C 205 -3.12 21.90 -21.45
C PHE C 205 -1.81 22.08 -20.70
N SER C 206 -0.89 22.81 -21.31
CA SER C 206 0.33 23.21 -20.65
C SER C 206 0.17 24.65 -20.14
N VAL C 207 0.15 24.81 -18.81
CA VAL C 207 -0.19 26.09 -18.20
C VAL C 207 0.91 26.72 -17.37
N VAL C 208 0.78 28.03 -17.16
CA VAL C 208 1.67 28.83 -16.35
C VAL C 208 0.81 29.71 -15.47
N GLY C 209 1.12 29.74 -14.18
CA GLY C 209 0.39 30.56 -13.22
C GLY C 209 1.28 31.60 -12.57
N SER C 210 0.70 32.75 -12.23
CA SER C 210 1.47 33.81 -11.55
C SER C 210 0.65 34.60 -10.56
N ASN C 211 1.20 34.71 -9.35
CA ASN C 211 0.59 35.48 -8.27
C ASN C 211 0.57 36.97 -8.63
N GLN C 212 1.76 37.56 -8.78
CA GLN C 212 1.91 38.98 -9.11
C GLN C 212 1.97 39.25 -10.62
N LEU C 213 1.57 40.47 -11.01
CA LEU C 213 1.64 40.89 -12.41
C LEU C 213 2.76 41.89 -12.64
N ILE C 214 3.08 42.11 -13.91
CA ILE C 214 4.30 42.81 -14.30
C ILE C 214 4.05 43.89 -15.35
N GLU C 215 4.68 45.05 -15.15
CA GLU C 215 4.62 46.14 -16.11
C GLU C 215 5.38 45.77 -17.38
N ALA C 216 4.62 45.54 -18.45
CA ALA C 216 5.19 45.16 -19.74
C ALA C 216 4.72 46.08 -20.85
N LYS C 217 5.21 45.82 -22.06
CA LYS C 217 4.84 46.55 -23.27
C LYS C 217 3.31 46.63 -23.46
N GLY C 218 2.82 47.83 -23.74
CA GLY C 218 1.38 48.07 -23.91
C GLY C 218 0.64 48.39 -22.62
N LYS C 219 0.72 47.48 -21.65
CA LYS C 219 -0.14 47.52 -20.46
C LYS C 219 0.49 46.68 -19.34
N LYS C 220 -0.22 46.54 -18.22
CA LYS C 220 0.14 45.57 -17.17
C LYS C 220 -0.44 44.18 -17.49
N VAL C 221 0.44 43.19 -17.63
CA VAL C 221 0.02 41.80 -17.80
C VAL C 221 0.64 40.89 -16.74
N ARG C 222 0.06 39.70 -16.60
CA ARG C 222 0.57 38.69 -15.68
C ARG C 222 1.14 37.51 -16.47
N GLY C 223 2.36 37.08 -16.18
CA GLY C 223 3.21 37.76 -15.20
C GLY C 223 4.29 36.90 -14.55
N ARG C 224 5.38 36.67 -15.27
CA ARG C 224 6.57 36.04 -14.66
C ARG C 224 7.82 36.69 -15.23
N LEU C 225 8.61 37.34 -14.37
CA LEU C 225 9.74 38.16 -14.83
C LEU C 225 11.09 37.44 -14.86
N TYR C 226 11.49 36.99 -16.06
CA TYR C 226 12.82 36.43 -16.25
C TYR C 226 13.76 37.44 -16.95
N PRO C 227 15.04 37.47 -16.53
CA PRO C 227 16.03 38.35 -17.17
C PRO C 227 16.13 38.18 -18.69
N TRP C 228 15.58 37.08 -19.22
CA TRP C 228 15.56 36.84 -20.67
C TRP C 228 14.19 37.08 -21.32
N GLY C 229 13.18 37.36 -20.50
CA GLY C 229 11.83 37.59 -21.02
C GLY C 229 10.72 37.50 -20.00
N VAL C 230 9.53 37.90 -20.39
CA VAL C 230 8.38 37.82 -19.50
C VAL C 230 7.34 36.79 -19.95
N VAL C 231 7.04 35.82 -19.08
CA VAL C 231 6.00 34.86 -19.37
C VAL C 231 4.66 35.42 -18.92
N GLU C 232 3.75 35.56 -19.87
CA GLU C 232 2.42 36.07 -19.55
C GLU C 232 1.40 34.95 -19.56
N VAL C 233 0.72 34.83 -18.41
CA VAL C 233 -0.33 33.86 -18.13
C VAL C 233 -1.37 33.84 -19.25
N GLU C 234 -1.77 35.03 -19.68
CA GLU C 234 -2.91 35.19 -20.58
C GLU C 234 -2.60 35.24 -22.07
N ASN C 235 -1.32 35.26 -22.42
CA ASN C 235 -0.92 35.14 -23.82
C ASN C 235 -1.07 33.69 -24.27
N PRO C 236 -2.02 33.42 -25.19
CA PRO C 236 -2.27 32.06 -25.69
C PRO C 236 -1.10 31.48 -26.46
N GLU C 237 -0.07 32.28 -26.68
CA GLU C 237 1.14 31.83 -27.35
C GLU C 237 2.30 31.64 -26.37
N HIS C 238 2.02 31.99 -25.11
CA HIS C 238 2.90 31.69 -23.99
C HIS C 238 2.48 30.39 -23.29
N ASN C 239 1.23 30.29 -22.88
CA ASN C 239 0.66 29.04 -22.35
C ASN C 239 -0.79 28.81 -22.76
N ASP C 240 -1.44 27.84 -22.10
CA ASP C 240 -2.82 27.45 -22.42
C ASP C 240 -3.82 27.90 -21.36
N PHE C 241 -3.45 28.84 -20.51
CA PHE C 241 -4.33 29.29 -19.44
C PHE C 241 -5.71 29.69 -19.96
N LEU C 242 -5.76 30.45 -21.05
CA LEU C 242 -7.04 30.87 -21.62
C LEU C 242 -7.79 29.69 -22.20
N LYS C 243 -7.10 28.82 -22.94
CA LYS C 243 -7.74 27.61 -23.44
C LYS C 243 -8.38 26.85 -22.28
N LEU C 244 -7.65 26.74 -21.17
CA LEU C 244 -8.17 26.11 -19.98
C LEU C 244 -9.38 26.88 -19.48
N ARG C 245 -9.22 28.19 -19.31
CA ARG C 245 -10.26 29.06 -18.77
C ARG C 245 -11.51 29.14 -19.66
N THR C 246 -11.32 29.09 -20.98
CA THR C 246 -12.45 29.07 -21.89
C THR C 246 -13.22 27.76 -21.73
N MET C 247 -12.51 26.63 -21.86
CA MET C 247 -13.14 25.30 -21.70
C MET C 247 -13.97 25.21 -20.42
N LEU C 248 -13.37 25.63 -19.31
CA LEU C 248 -14.00 25.53 -17.99
C LEU C 248 -15.34 26.26 -17.89
N ILE C 249 -15.40 27.46 -18.47
CA ILE C 249 -16.61 28.27 -18.46
C ILE C 249 -17.65 27.68 -19.40
N THR C 250 -17.25 27.43 -20.65
CA THR C 250 -18.20 27.02 -21.68
C THR C 250 -18.60 25.55 -21.59
N HIS C 251 -18.08 24.83 -20.60
CA HIS C 251 -18.47 23.42 -20.40
C HIS C 251 -18.95 23.12 -18.98
N MET C 252 -19.14 24.15 -18.15
CA MET C 252 -19.60 23.93 -16.77
C MET C 252 -20.83 23.03 -16.77
N GLN C 253 -21.73 23.28 -17.72
CA GLN C 253 -22.99 22.55 -17.84
C GLN C 253 -22.73 21.07 -18.11
N ASP C 254 -22.00 20.77 -19.19
CA ASP C 254 -21.67 19.38 -19.55
C ASP C 254 -20.90 18.67 -18.42
N LEU C 255 -20.02 19.41 -17.76
CA LEU C 255 -19.22 18.87 -16.66
C LEU C 255 -20.10 18.49 -15.46
N GLN C 256 -21.16 19.25 -15.23
CA GLN C 256 -22.08 18.97 -14.13
C GLN C 256 -22.97 17.76 -14.43
N GLU C 257 -23.40 17.65 -15.69
CA GLU C 257 -24.32 16.60 -16.11
C GLU C 257 -23.64 15.24 -16.10
N VAL C 258 -22.40 15.19 -16.59
CA VAL C 258 -21.61 13.97 -16.53
C VAL C 258 -21.37 13.60 -15.05
N THR C 259 -21.07 14.59 -14.22
CA THR C 259 -20.90 14.35 -12.79
C THR C 259 -22.15 13.71 -12.21
N GLN C 260 -23.31 14.09 -12.76
CA GLN C 260 -24.60 13.58 -12.29
C GLN C 260 -24.88 12.20 -12.87
N ASP C 261 -24.84 12.11 -14.20
CA ASP C 261 -25.24 10.92 -14.94
C ASP C 261 -24.26 9.75 -14.83
N LEU C 262 -22.97 10.05 -14.65
CA LEU C 262 -21.96 9.00 -14.55
C LEU C 262 -21.26 8.70 -13.24
N HIS C 263 -20.91 9.73 -12.49
CA HIS C 263 -20.03 9.60 -11.35
C HIS C 263 -20.95 9.45 -10.16
N TYR C 264 -22.01 10.26 -10.12
CA TYR C 264 -22.95 10.25 -9.00
C TYR C 264 -23.86 9.04 -9.01
N GLU C 265 -24.29 8.60 -10.18
CA GLU C 265 -25.11 7.39 -10.30
C GLU C 265 -24.33 6.19 -9.79
N ASN C 266 -23.04 6.13 -10.15
CA ASN C 266 -22.16 5.05 -9.71
C ASN C 266 -21.98 5.03 -8.20
N PHE C 267 -21.69 6.18 -7.60
CA PHE C 267 -21.62 6.29 -6.14
C PHE C 267 -22.92 5.83 -5.49
N ARG C 268 -24.05 6.31 -6.04
CA ARG C 268 -25.39 5.94 -5.58
C ARG C 268 -25.60 4.42 -5.52
N SER C 269 -25.37 3.73 -6.64
CA SER C 269 -25.51 2.26 -6.73
C SER C 269 -24.76 1.49 -5.66
N GLU C 270 -23.49 1.85 -5.43
CA GLU C 270 -22.67 1.20 -4.42
C GLU C 270 -23.19 1.43 -3.01
N ARG C 271 -23.59 2.67 -2.71
CA ARG C 271 -24.06 3.00 -1.37
C ARG C 271 -25.43 2.40 -1.07
N LEU C 272 -26.28 2.36 -2.09
CA LEU C 272 -27.59 1.74 -1.97
C LEU C 272 -27.48 0.21 -1.91
N LYS C 273 -26.51 -0.35 -2.65
CA LYS C 273 -26.24 -1.80 -2.60
C LYS C 273 -24.95 -2.08 -1.83
N GLY D 3 51.57 12.95 -15.08
CA GLY D 3 50.17 12.43 -15.01
C GLY D 3 49.35 13.09 -13.92
N PHE D 4 48.22 13.69 -14.33
CA PHE D 4 47.31 14.38 -13.42
C PHE D 4 45.88 14.02 -13.80
N GLU D 5 45.14 13.42 -12.85
CA GLU D 5 43.80 12.91 -13.12
C GLU D 5 42.74 13.57 -12.24
N PHE D 6 41.61 13.91 -12.84
CA PHE D 6 40.48 14.50 -12.11
C PHE D 6 39.18 13.82 -12.50
N THR D 7 38.34 13.59 -11.51
CA THR D 7 37.05 12.96 -11.76
C THR D 7 35.90 13.73 -11.14
N LEU D 8 34.90 14.02 -11.97
CA LEU D 8 33.70 14.72 -11.56
C LEU D 8 32.52 13.78 -11.67
N MET D 9 31.69 13.77 -10.63
CA MET D 9 30.46 12.97 -10.65
C MET D 9 29.24 13.90 -10.60
N VAL D 10 28.15 13.44 -11.18
CA VAL D 10 26.91 14.20 -11.19
C VAL D 10 25.77 13.35 -10.69
N VAL D 11 25.03 13.88 -9.71
CA VAL D 11 24.14 13.08 -8.89
C VAL D 11 22.89 13.86 -8.52
N GLY D 12 21.76 13.18 -8.39
CA GLY D 12 20.53 13.82 -7.96
C GLY D 12 19.28 13.16 -8.50
N GLU D 13 18.13 13.80 -8.26
CA GLU D 13 16.85 13.28 -8.71
C GLU D 13 16.82 13.18 -10.23
N SER D 14 16.13 12.16 -10.75
CA SER D 14 15.94 11.98 -12.19
C SER D 14 15.22 13.18 -12.80
N GLY D 15 15.53 13.49 -14.05
CA GLY D 15 14.82 14.55 -14.78
C GLY D 15 15.23 15.97 -14.45
N LEU D 16 16.36 16.14 -13.79
CA LEU D 16 16.82 17.47 -13.42
C LEU D 16 17.84 18.07 -14.39
N GLY D 17 18.02 17.45 -15.55
CA GLY D 17 18.93 17.95 -16.58
C GLY D 17 20.40 17.66 -16.33
N LYS D 18 20.68 16.59 -15.59
CA LYS D 18 22.04 16.24 -15.20
C LYS D 18 22.90 15.93 -16.41
N SER D 19 22.44 14.97 -17.22
CA SER D 19 23.16 14.57 -18.42
C SER D 19 23.35 15.72 -19.40
N THR D 20 22.31 16.48 -19.70
CA THR D 20 22.47 17.52 -20.72
C THR D 20 23.42 18.63 -20.25
N LEU D 21 23.50 18.84 -18.94
CA LEU D 21 24.50 19.75 -18.39
C LEU D 21 25.88 19.12 -18.42
N ILE D 22 25.93 17.82 -18.12
CA ILE D 22 27.18 17.07 -18.09
C ILE D 22 27.95 17.15 -19.42
N ASN D 23 27.21 17.17 -20.54
CA ASN D 23 27.79 17.36 -21.87
C ASN D 23 28.00 18.84 -22.13
N SER D 24 26.96 19.65 -21.87
CA SER D 24 27.00 21.10 -22.00
C SER D 24 28.22 21.75 -21.32
N LEU D 25 28.75 21.07 -20.31
CA LEU D 25 29.96 21.50 -19.61
C LEU D 25 31.19 20.96 -20.31
N PHE D 26 31.07 19.75 -20.83
CA PHE D 26 32.20 18.95 -21.28
C PHE D 26 32.47 18.69 -22.77
N LEU D 27 31.40 18.47 -23.52
CA LEU D 27 31.47 18.09 -24.95
C LEU D 27 31.42 19.39 -25.76
N THR D 28 32.53 20.14 -25.75
CA THR D 28 32.62 21.39 -26.50
C THR D 28 32.85 21.12 -27.99
N GLU D 44 16.70 9.95 -24.10
CA GLU D 44 17.21 8.77 -23.39
C GLU D 44 17.59 9.11 -21.96
N ARG D 45 17.05 8.35 -21.01
CA ARG D 45 17.45 8.43 -19.60
C ARG D 45 18.83 7.82 -19.39
N THR D 46 19.48 8.20 -18.31
CA THR D 46 20.71 7.56 -17.89
C THR D 46 20.27 6.35 -17.06
N VAL D 47 20.42 5.16 -17.64
CA VAL D 47 19.86 3.95 -17.02
C VAL D 47 20.91 3.23 -16.17
N GLN D 48 22.14 3.72 -16.21
CA GLN D 48 23.28 3.11 -15.51
C GLN D 48 24.43 4.09 -15.41
N ILE D 49 25.28 3.94 -14.40
CA ILE D 49 26.48 4.75 -14.23
C ILE D 49 27.33 4.74 -15.51
N GLU D 50 27.73 5.93 -15.95
CA GLU D 50 28.55 6.05 -17.15
C GLU D 50 29.66 7.06 -16.96
N ALA D 51 30.87 6.65 -17.29
CA ALA D 51 32.02 7.54 -17.24
C ALA D 51 32.36 7.97 -18.66
N SER D 52 32.73 9.24 -18.79
CA SER D 52 33.18 9.80 -20.04
C SER D 52 34.50 10.51 -19.79
N THR D 53 35.52 10.14 -20.55
CA THR D 53 36.88 10.59 -20.27
C THR D 53 37.51 11.37 -21.43
N VAL D 54 38.26 12.41 -21.08
CA VAL D 54 39.13 13.12 -22.01
C VAL D 54 40.54 13.02 -21.46
N GLU D 55 41.48 12.54 -22.28
CA GLU D 55 42.88 12.54 -21.90
C GLU D 55 43.71 13.34 -22.91
N ILE D 56 44.50 14.28 -22.37
CA ILE D 56 45.27 15.20 -23.19
C ILE D 56 46.76 15.09 -22.83
N GLU D 57 47.60 14.97 -23.86
CA GLU D 57 49.06 15.00 -23.70
C GLU D 57 49.75 16.00 -24.63
N GLU D 58 49.80 17.27 -24.20
CA GLU D 58 50.57 18.31 -24.90
C GLU D 58 51.95 18.30 -24.25
N ARG D 59 52.99 18.40 -25.08
CA ARG D 59 54.39 18.22 -24.65
C ARG D 59 54.46 16.93 -23.82
N GLY D 60 54.98 17.01 -22.59
CA GLY D 60 55.07 15.86 -21.70
C GLY D 60 53.93 15.66 -20.70
N VAL D 61 53.19 16.73 -20.44
CA VAL D 61 52.11 16.73 -19.44
C VAL D 61 50.87 15.90 -19.82
N LYS D 62 50.53 14.91 -18.99
CA LYS D 62 49.30 14.12 -19.14
C LYS D 62 48.17 14.57 -18.23
N LEU D 63 47.15 15.18 -18.83
CA LEU D 63 45.95 15.58 -18.11
C LEU D 63 44.82 14.61 -18.41
N ARG D 64 44.11 14.18 -17.37
CA ARG D 64 42.97 13.27 -17.54
C ARG D 64 41.71 13.78 -16.81
N LEU D 65 40.67 14.12 -17.58
CA LEU D 65 39.41 14.60 -17.01
C LEU D 65 38.26 13.65 -17.33
N THR D 66 37.69 13.07 -16.28
CA THR D 66 36.62 12.09 -16.46
C THR D 66 35.30 12.51 -15.76
N VAL D 67 34.17 12.31 -16.44
CA VAL D 67 32.88 12.73 -15.93
C VAL D 67 31.98 11.52 -15.72
N VAL D 68 31.48 11.38 -14.49
CA VAL D 68 30.68 10.22 -14.12
C VAL D 68 29.20 10.59 -14.01
N ASP D 69 28.44 10.19 -15.01
CA ASP D 69 27.01 10.40 -15.03
C ASP D 69 26.34 9.26 -14.28
N THR D 70 25.30 9.60 -13.52
CA THR D 70 24.58 8.61 -12.73
C THR D 70 23.10 8.65 -13.07
N PRO D 71 22.40 7.50 -13.00
CA PRO D 71 20.93 7.53 -13.04
C PRO D 71 20.33 8.22 -11.81
N GLY D 72 19.36 9.10 -12.03
CA GLY D 72 18.71 9.83 -10.96
C GLY D 72 17.60 9.01 -10.31
N TYR D 73 17.23 9.37 -9.08
CA TYR D 73 16.20 8.63 -8.34
C TYR D 73 14.78 9.13 -8.60
N GLY D 74 13.79 8.33 -8.19
CA GLY D 74 12.39 8.74 -8.21
C GLY D 74 11.57 8.10 -9.30
N ALA D 76 11.25 5.28 -11.64
CA ALA D 76 11.74 3.93 -11.94
C ALA D 76 12.87 3.45 -11.02
N ILE D 77 13.56 4.36 -10.34
CA ILE D 77 14.54 3.96 -9.31
C ILE D 77 14.25 4.59 -7.96
N ASN D 78 14.22 3.75 -6.92
CA ASN D 78 13.91 4.23 -5.58
C ASN D 78 15.21 4.72 -4.92
N CYS D 79 15.10 5.82 -4.17
CA CYS D 79 16.26 6.56 -3.65
C CYS D 79 17.32 5.74 -2.90
N ARG D 80 16.90 4.75 -2.11
CA ARG D 80 17.79 3.96 -1.27
C ARG D 80 18.70 3.03 -2.09
N ASP D 81 18.11 2.34 -3.06
CA ASP D 81 18.85 1.47 -3.96
C ASP D 81 19.69 2.28 -4.93
N CYS D 82 19.30 3.54 -5.11
CA CYS D 82 20.00 4.47 -5.99
C CYS D 82 21.31 4.94 -5.37
N PHE D 83 21.28 5.35 -4.10
CA PHE D 83 22.49 5.86 -3.47
C PHE D 83 23.45 4.74 -3.04
N LYS D 84 22.93 3.53 -2.88
CA LYS D 84 23.78 2.38 -2.56
C LYS D 84 24.71 2.09 -3.73
N THR D 85 24.15 2.09 -4.94
CA THR D 85 24.90 1.81 -6.16
C THR D 85 25.89 2.93 -6.53
N ILE D 86 25.67 4.12 -5.96
CA ILE D 86 26.61 5.23 -6.16
C ILE D 86 27.69 5.23 -5.08
N ILE D 87 27.33 4.94 -3.82
CA ILE D 87 28.31 4.72 -2.74
C ILE D 87 29.22 3.56 -3.13
N SER D 88 28.62 2.51 -3.70
CA SER D 88 29.37 1.37 -4.18
C SER D 88 30.48 1.82 -5.10
N TYR D 89 30.11 2.54 -6.16
CA TYR D 89 31.07 3.08 -7.14
C TYR D 89 32.21 3.87 -6.51
N ILE D 90 31.88 4.81 -5.61
CA ILE D 90 32.89 5.64 -4.97
C ILE D 90 33.85 4.80 -4.13
N ASP D 91 33.30 3.87 -3.37
CA ASP D 91 34.09 2.96 -2.53
C ASP D 91 34.97 2.04 -3.36
N GLU D 92 34.48 1.66 -4.53
CA GLU D 92 35.26 0.86 -5.46
C GLU D 92 36.52 1.58 -5.92
N GLN D 93 36.41 2.88 -6.17
CA GLN D 93 37.52 3.67 -6.68
C GLN D 93 38.54 3.95 -5.59
N PHE D 94 38.06 3.94 -4.35
CA PHE D 94 38.94 3.98 -3.19
C PHE D 94 39.70 2.65 -3.07
N GLU D 95 38.96 1.55 -3.11
CA GLU D 95 39.52 0.21 -2.96
C GLU D 95 40.62 -0.06 -3.99
N ARG D 96 40.33 0.21 -5.27
CA ARG D 96 41.33 0.13 -6.34
C ARG D 96 42.56 0.98 -6.01
N TYR D 97 42.33 2.24 -5.66
CA TYR D 97 43.41 3.17 -5.37
C TYR D 97 44.29 2.66 -4.23
N LEU D 98 43.67 2.11 -3.20
CA LEU D 98 44.40 1.55 -2.08
C LEU D 98 45.16 0.28 -2.48
N HIS D 99 44.53 -0.57 -3.28
CA HIS D 99 45.16 -1.78 -3.82
C HIS D 99 46.31 -1.42 -4.78
N ASP D 100 46.31 -0.18 -5.26
CA ASP D 100 47.40 0.33 -6.08
C ASP D 100 48.46 1.01 -5.22
N GLU D 101 48.00 1.81 -4.25
CA GLU D 101 48.85 2.73 -3.47
C GLU D 101 50.11 2.10 -2.89
N SER D 102 49.99 0.90 -2.33
CA SER D 102 51.13 0.21 -1.75
C SER D 102 51.14 -1.25 -2.21
N GLY D 103 52.23 -1.68 -2.85
CA GLY D 103 53.36 -0.82 -3.21
C GLY D 103 53.58 -0.74 -4.71
N HIS D 108 53.54 4.72 -11.39
CA HIS D 108 52.71 5.84 -10.94
C HIS D 108 51.23 5.48 -10.87
N ILE D 109 50.53 6.11 -9.93
CA ILE D 109 49.17 5.76 -9.55
C ILE D 109 48.11 6.28 -10.52
N ILE D 110 47.34 5.38 -11.14
CA ILE D 110 46.15 5.78 -11.92
C ILE D 110 45.04 6.19 -10.95
N ASP D 111 44.84 7.49 -10.77
CA ASP D 111 43.81 7.96 -9.83
C ASP D 111 42.42 8.04 -10.45
N ASN D 112 41.47 7.33 -9.83
CA ASN D 112 40.10 7.32 -10.31
C ASN D 112 39.08 7.73 -9.24
N ARG D 113 39.59 8.30 -8.14
CA ARG D 113 38.74 8.82 -7.09
C ARG D 113 37.88 9.96 -7.60
N VAL D 114 36.64 9.98 -7.14
CA VAL D 114 35.72 11.07 -7.42
C VAL D 114 36.14 12.26 -6.56
N HIS D 115 36.62 13.32 -7.20
CA HIS D 115 37.11 14.49 -6.49
C HIS D 115 36.06 15.59 -6.34
N CYS D 116 34.93 15.43 -7.00
CA CYS D 116 33.88 16.43 -6.93
C CYS D 116 32.57 15.86 -7.41
N CYS D 117 31.52 16.14 -6.64
CA CYS D 117 30.20 15.60 -6.93
C CYS D 117 29.15 16.70 -6.89
N PHE D 118 28.60 17.02 -8.06
CA PHE D 118 27.55 18.01 -8.15
C PHE D 118 26.24 17.37 -7.72
N TYR D 119 25.66 17.88 -6.65
CA TYR D 119 24.35 17.40 -6.24
C TYR D 119 23.23 18.30 -6.80
N PHE D 120 22.45 17.73 -7.70
CA PHE D 120 21.40 18.47 -8.40
C PHE D 120 20.13 18.49 -7.57
N ILE D 121 19.64 19.71 -7.31
CA ILE D 121 18.48 19.91 -6.46
C ILE D 121 17.36 20.47 -7.32
N SER D 122 16.17 19.85 -7.24
CA SER D 122 15.01 20.31 -7.99
C SER D 122 14.65 21.75 -7.64
N PRO D 123 14.35 22.56 -8.66
CA PRO D 123 13.94 23.94 -8.43
C PRO D 123 12.48 24.08 -7.94
N PHE D 124 11.76 22.97 -7.86
CA PHE D 124 10.33 22.98 -7.48
C PHE D 124 10.07 22.79 -6.00
N GLY D 125 11.11 22.48 -5.23
CA GLY D 125 10.95 22.21 -3.81
C GLY D 125 11.18 23.43 -2.93
N HIS D 126 10.74 23.32 -1.67
CA HIS D 126 10.85 24.40 -0.69
C HIS D 126 12.23 24.54 -0.04
N GLY D 127 13.15 23.68 -0.48
CA GLY D 127 14.54 23.70 -0.03
C GLY D 127 14.86 22.30 -0.50
N LEU D 128 15.59 21.58 0.33
CA LEU D 128 15.82 20.17 0.08
C LEU D 128 14.66 19.24 0.35
N LYS D 129 14.54 18.23 -0.49
CA LYS D 129 13.61 17.13 -0.30
C LYS D 129 14.11 16.30 0.87
N PRO D 130 13.20 15.68 1.63
CA PRO D 130 13.59 14.65 2.61
C PRO D 130 14.51 13.56 2.02
N LEU D 131 14.31 13.21 0.76
CA LEU D 131 15.12 12.19 0.09
C LEU D 131 16.51 12.74 -0.28
N ASP D 132 16.57 14.03 -0.61
CA ASP D 132 17.82 14.71 -0.90
C ASP D 132 18.73 14.70 0.32
N VAL D 133 18.17 15.02 1.48
CA VAL D 133 18.93 15.02 2.73
C VAL D 133 19.47 13.63 2.99
N ALA D 134 18.64 12.61 2.80
CA ALA D 134 19.09 11.24 2.95
C ALA D 134 20.30 10.99 2.05
N PHE D 135 20.13 11.26 0.76
CA PHE D 135 21.16 11.09 -0.25
C PHE D 135 22.48 11.80 0.13
N MET D 136 22.40 13.10 0.38
CA MET D 136 23.58 13.91 0.65
C MET D 136 24.30 13.38 1.90
N LYS D 137 23.52 12.96 2.90
CA LYS D 137 24.13 12.42 4.12
C LYS D 137 24.71 11.02 3.91
N ALA D 138 24.13 10.25 3.00
CA ALA D 138 24.69 8.95 2.67
C ALA D 138 26.07 9.07 2.03
N ILE D 139 26.38 10.25 1.46
CA ILE D 139 27.61 10.39 0.68
C ILE D 139 28.46 11.63 0.97
N HIS D 140 28.16 12.37 2.04
CA HIS D 140 28.95 13.57 2.32
C HIS D 140 30.26 13.27 3.07
N ASN D 141 30.44 12.03 3.49
CA ASN D 141 31.70 11.59 4.11
C ASN D 141 32.66 10.91 3.13
N LYS D 142 32.15 10.63 1.93
CA LYS D 142 32.95 10.00 0.88
C LYS D 142 33.45 10.97 -0.21
N VAL D 143 32.63 11.96 -0.58
CA VAL D 143 32.96 12.86 -1.70
C VAL D 143 32.58 14.34 -1.51
N ASN D 144 33.45 15.25 -1.96
CA ASN D 144 33.16 16.69 -1.96
C ASN D 144 31.88 17.00 -2.71
N ILE D 145 30.90 17.57 -2.01
CA ILE D 145 29.60 17.85 -2.61
C ILE D 145 29.51 19.31 -2.99
N VAL D 146 29.13 19.56 -4.23
CA VAL D 146 28.75 20.91 -4.63
C VAL D 146 27.27 20.84 -4.99
N PRO D 147 26.44 21.59 -4.25
CA PRO D 147 25.01 21.55 -4.54
C PRO D 147 24.69 22.53 -5.66
N VAL D 148 23.85 22.12 -6.60
CA VAL D 148 23.39 23.04 -7.65
C VAL D 148 21.88 22.98 -7.78
N ILE D 149 21.29 24.12 -8.13
CA ILE D 149 19.86 24.19 -8.41
C ILE D 149 19.70 23.91 -9.89
N ALA D 150 19.06 22.79 -10.18
CA ALA D 150 18.88 22.33 -11.55
C ALA D 150 17.84 23.17 -12.28
N LYS D 151 17.91 23.16 -13.62
CA LYS D 151 16.90 23.80 -14.47
C LYS D 151 16.47 25.15 -13.92
N ALA D 152 17.44 26.05 -13.76
CA ALA D 152 17.20 27.36 -13.15
C ALA D 152 16.34 28.28 -14.00
N ASP D 153 16.16 27.96 -15.28
CA ASP D 153 15.26 28.73 -16.13
C ASP D 153 13.78 28.61 -15.72
N THR D 154 13.51 27.83 -14.68
CA THR D 154 12.17 27.65 -14.14
C THR D 154 11.97 28.57 -12.93
N LEU D 155 13.01 29.34 -12.63
CA LEU D 155 13.08 30.09 -11.39
C LEU D 155 13.39 31.58 -11.62
N THR D 156 12.62 32.43 -10.94
CA THR D 156 12.73 33.87 -11.09
C THR D 156 13.88 34.34 -10.22
N LEU D 157 14.50 35.46 -10.58
CA LEU D 157 15.70 35.94 -9.90
C LEU D 157 15.52 35.95 -8.39
N LYS D 158 14.36 36.41 -7.92
CA LYS D 158 14.06 36.43 -6.49
C LYS D 158 13.83 35.03 -5.93
N GLU D 159 13.07 34.21 -6.67
CA GLU D 159 12.82 32.82 -6.26
C GLU D 159 14.13 32.10 -6.05
N ARG D 160 15.09 32.43 -6.92
CA ARG D 160 16.42 31.85 -6.90
C ARG D 160 17.12 32.08 -5.56
N GLU D 161 17.14 33.34 -5.12
CA GLU D 161 17.77 33.71 -3.84
C GLU D 161 17.02 33.10 -2.66
N ARG D 162 15.69 33.07 -2.75
CA ARG D 162 14.87 32.46 -1.70
C ARG D 162 15.10 30.94 -1.59
N LEU D 163 15.42 30.29 -2.72
CA LEU D 163 15.76 28.86 -2.70
C LEU D 163 17.19 28.64 -2.17
N LYS D 164 18.14 29.39 -2.72
CA LYS D 164 19.54 29.34 -2.30
C LYS D 164 19.68 29.42 -0.77
N LYS D 165 18.93 30.33 -0.16
CA LYS D 165 18.94 30.53 1.29
C LYS D 165 18.37 29.35 2.05
N ARG D 166 17.20 28.85 1.62
CA ARG D 166 16.57 27.71 2.31
C ARG D 166 17.42 26.44 2.21
N ILE D 167 18.03 26.22 1.05
CA ILE D 167 18.88 25.05 0.86
C ILE D 167 20.04 25.15 1.83
N LEU D 168 20.66 26.32 1.85
CA LEU D 168 21.83 26.61 2.64
C LEU D 168 21.53 26.36 4.12
N ASP D 169 20.43 26.95 4.60
CA ASP D 169 19.98 26.80 5.98
C ASP D 169 19.56 25.36 6.31
N GLU D 170 19.04 24.63 5.34
CA GLU D 170 18.70 23.24 5.58
C GLU D 170 19.94 22.35 5.54
N ILE D 171 20.99 22.84 4.88
CA ILE D 171 22.29 22.18 4.90
C ILE D 171 22.91 22.31 6.29
N GLU D 172 22.93 23.54 6.79
CA GLU D 172 23.55 23.85 8.08
C GLU D 172 22.79 23.24 9.24
N GLU D 173 21.50 22.96 9.02
CA GLU D 173 20.62 22.51 10.08
C GLU D 173 20.40 20.99 10.11
N HIS D 174 20.63 20.31 8.98
CA HIS D 174 20.59 18.85 8.94
C HIS D 174 21.99 18.27 9.03
N SER D 175 22.96 19.15 9.32
CA SER D 175 24.40 18.83 9.38
C SER D 175 24.86 18.18 8.08
N ILE D 176 24.77 18.92 6.98
CA ILE D 176 25.26 18.38 5.72
C ILE D 176 26.64 18.97 5.41
N LYS D 177 27.59 18.07 5.17
CA LYS D 177 28.95 18.45 4.83
C LYS D 177 29.12 18.75 3.36
N ILE D 178 29.58 19.95 3.10
CA ILE D 178 29.67 20.46 1.76
C ILE D 178 31.06 21.00 1.55
N TYR D 179 31.54 20.88 0.31
CA TYR D 179 32.83 21.41 -0.05
C TYR D 179 32.81 22.93 0.13
N HIS D 180 33.80 23.45 0.84
CA HIS D 180 33.95 24.88 0.96
C HIS D 180 35.22 25.32 0.25
N LEU D 181 35.14 26.48 -0.39
CA LEU D 181 36.30 27.05 -1.04
C LEU D 181 37.32 27.42 0.03
N PRO D 182 38.62 27.26 -0.25
CA PRO D 182 39.63 27.80 0.64
C PRO D 182 39.67 29.33 0.54
N ASP D 183 40.03 29.99 1.64
CA ASP D 183 40.18 31.45 1.68
C ASP D 183 41.28 31.96 0.74
N ALA D 184 41.08 33.18 0.21
CA ALA D 184 42.08 33.84 -0.63
C ALA D 184 43.11 34.57 0.22
N PHE D 192 40.73 39.86 -8.30
CA PHE D 192 40.68 38.47 -7.87
C PHE D 192 39.92 38.28 -6.55
N LYS D 193 40.16 39.18 -5.61
CA LYS D 193 39.67 39.04 -4.22
C LYS D 193 38.16 39.18 -4.06
N GLU D 194 37.55 40.01 -4.91
CA GLU D 194 36.08 40.16 -4.93
C GLU D 194 35.39 39.03 -5.68
N GLN D 195 36.04 38.50 -6.72
CA GLN D 195 35.53 37.37 -7.49
C GLN D 195 35.36 36.13 -6.60
N THR D 196 36.46 35.73 -5.96
CA THR D 196 36.48 34.53 -5.11
C THR D 196 35.47 34.60 -3.94
N ARG D 197 35.27 35.80 -3.39
CA ARG D 197 34.26 36.05 -2.35
C ARG D 197 32.86 35.91 -2.93
N LEU D 198 32.65 36.51 -4.11
CA LEU D 198 31.36 36.49 -4.77
C LEU D 198 31.03 35.12 -5.32
N LEU D 199 32.07 34.35 -5.64
CA LEU D 199 31.91 32.99 -6.14
C LEU D 199 31.55 32.02 -5.01
N LYS D 200 31.97 32.34 -3.79
CA LYS D 200 31.54 31.59 -2.61
C LYS D 200 30.12 31.99 -2.20
N ALA D 201 29.77 33.24 -2.53
CA ALA D 201 28.42 33.76 -2.28
C ALA D 201 27.38 33.13 -3.21
N SER D 202 27.85 32.61 -4.33
CA SER D 202 26.97 32.12 -5.39
C SER D 202 26.59 30.63 -5.28
N ILE D 203 26.90 30.02 -4.14
CA ILE D 203 26.56 28.60 -3.89
C ILE D 203 25.24 28.53 -3.13
N PRO D 204 24.37 27.54 -3.44
CA PRO D 204 24.44 26.57 -4.55
C PRO D 204 24.12 27.20 -5.89
N PHE D 205 24.98 26.99 -6.87
CA PHE D 205 24.81 27.58 -8.20
C PHE D 205 23.48 27.18 -8.81
N SER D 206 22.79 28.13 -9.42
CA SER D 206 21.61 27.78 -10.20
C SER D 206 21.95 27.74 -11.69
N VAL D 207 21.82 26.54 -12.29
CA VAL D 207 22.32 26.31 -13.64
C VAL D 207 21.25 25.93 -14.66
N VAL D 208 21.61 26.11 -15.93
CA VAL D 208 20.77 25.74 -17.06
C VAL D 208 21.65 25.00 -18.06
N GLY D 209 21.17 23.88 -18.57
CA GLY D 209 21.91 23.13 -19.57
C GLY D 209 21.15 23.03 -20.89
N SER D 210 21.89 22.88 -21.99
CA SER D 210 21.29 22.72 -23.31
C SER D 210 22.15 22.02 -24.35
N ASN D 211 21.49 21.20 -25.17
CA ASN D 211 22.07 20.63 -26.37
C ASN D 211 22.06 21.61 -27.54
N GLN D 212 20.91 22.28 -27.71
CA GLN D 212 20.64 23.13 -28.86
C GLN D 212 21.53 24.36 -28.97
N LEU D 213 21.89 24.67 -30.21
CA LEU D 213 22.44 25.96 -30.56
C LEU D 213 21.33 26.70 -31.30
N ILE D 214 21.14 27.96 -30.96
CA ILE D 214 20.05 28.76 -31.54
C ILE D 214 20.70 30.03 -32.11
N GLU D 215 19.99 30.67 -33.03
CA GLU D 215 20.48 31.86 -33.73
C GLU D 215 19.93 33.03 -32.91
N ALA D 216 20.72 33.47 -31.93
CA ALA D 216 20.33 34.52 -31.02
C ALA D 216 21.16 35.79 -31.24
N LYS D 217 20.50 36.83 -31.73
CA LYS D 217 21.06 38.17 -31.99
C LYS D 217 22.36 38.25 -32.80
N GLY D 218 22.61 37.24 -33.64
CA GLY D 218 23.81 37.22 -34.49
C GLY D 218 24.90 36.18 -34.40
N LYS D 219 24.83 35.32 -33.38
CA LYS D 219 25.84 34.29 -33.17
C LYS D 219 25.09 33.14 -32.50
N LYS D 220 25.27 31.94 -33.06
CA LYS D 220 24.73 30.71 -32.48
C LYS D 220 25.26 30.52 -31.07
N VAL D 221 24.34 30.30 -30.12
CA VAL D 221 24.70 30.12 -28.71
C VAL D 221 23.72 29.15 -28.03
N ARG D 222 24.17 28.50 -26.96
CA ARG D 222 23.33 27.58 -26.20
C ARG D 222 22.70 28.24 -24.95
N GLY D 223 21.39 28.07 -24.77
CA GLY D 223 20.59 27.44 -25.81
C GLY D 223 19.26 26.91 -25.31
N ARG D 224 18.29 27.79 -25.08
CA ARG D 224 16.92 27.32 -24.80
C ARG D 224 15.96 28.36 -25.38
N LEU D 225 15.17 27.93 -26.36
CA LEU D 225 14.28 28.81 -27.12
C LEU D 225 12.81 28.74 -26.69
N TYR D 226 12.36 29.80 -26.03
CA TYR D 226 10.96 29.96 -25.66
C TYR D 226 10.29 31.04 -26.52
N PRO D 227 8.95 31.00 -26.63
CA PRO D 227 8.17 32.08 -27.27
C PRO D 227 8.45 33.49 -26.72
N TRP D 228 8.85 33.56 -25.46
CA TRP D 228 9.03 34.85 -24.78
C TRP D 228 10.51 35.23 -24.65
N GLY D 229 11.39 34.47 -25.29
CA GLY D 229 12.83 34.75 -25.21
C GLY D 229 13.76 33.56 -25.27
N VAL D 230 15.02 33.81 -24.94
CA VAL D 230 16.08 32.81 -25.10
C VAL D 230 16.98 32.77 -23.87
N VAL D 231 17.04 31.60 -23.23
CA VAL D 231 17.96 31.42 -22.12
C VAL D 231 19.28 30.90 -22.67
N GLU D 232 20.36 31.58 -22.29
CA GLU D 232 21.70 31.22 -22.76
C GLU D 232 22.57 30.70 -21.63
N VAL D 233 23.06 29.48 -21.82
CA VAL D 233 23.85 28.77 -20.84
C VAL D 233 25.05 29.59 -20.36
N GLU D 234 25.78 30.17 -21.32
CA GLU D 234 27.04 30.88 -21.03
C GLU D 234 26.88 32.39 -20.81
N ASN D 235 25.73 32.78 -20.28
CA ASN D 235 25.47 34.17 -19.93
C ASN D 235 25.31 34.30 -18.42
N PRO D 236 26.27 34.95 -17.75
CA PRO D 236 26.26 35.11 -16.29
C PRO D 236 25.05 35.84 -15.71
N GLU D 237 24.25 36.49 -16.56
CA GLU D 237 23.03 37.19 -16.13
C GLU D 237 21.80 36.28 -16.20
N HIS D 238 22.00 35.09 -16.77
CA HIS D 238 20.95 34.12 -16.97
C HIS D 238 21.01 32.98 -15.96
N ASN D 239 22.20 32.43 -15.76
CA ASN D 239 22.42 31.33 -14.84
C ASN D 239 23.86 31.27 -14.35
N ASP D 240 24.13 30.42 -13.38
CA ASP D 240 25.47 30.29 -12.81
C ASP D 240 26.30 29.17 -13.47
N PHE D 241 26.14 28.95 -14.77
CA PHE D 241 26.89 27.89 -15.42
C PHE D 241 28.38 28.14 -15.43
N LEU D 242 28.77 29.32 -15.92
CA LEU D 242 30.17 29.70 -16.02
C LEU D 242 30.80 29.83 -14.65
N LYS D 243 30.08 30.44 -13.71
CA LYS D 243 30.53 30.47 -12.33
C LYS D 243 30.89 29.06 -11.84
N LEU D 244 30.07 28.07 -12.22
CA LEU D 244 30.29 26.66 -11.85
C LEU D 244 31.49 26.08 -12.59
N ARG D 245 31.53 26.30 -13.89
CA ARG D 245 32.60 25.79 -14.73
C ARG D 245 33.97 26.35 -14.31
N THR D 246 34.06 27.66 -14.10
CA THR D 246 35.33 28.29 -13.71
C THR D 246 35.69 27.98 -12.27
N MET D 247 34.68 27.80 -11.43
CA MET D 247 34.91 27.32 -10.07
C MET D 247 35.56 25.95 -10.12
N LEU D 248 35.03 25.09 -10.99
CA LEU D 248 35.56 23.73 -11.11
C LEU D 248 37.02 23.70 -11.60
N ILE D 249 37.31 24.47 -12.66
CA ILE D 249 38.66 24.46 -13.27
C ILE D 249 39.73 25.03 -12.32
N THR D 250 39.43 26.17 -11.69
CA THR D 250 40.37 26.82 -10.78
C THR D 250 40.49 26.13 -9.41
N HIS D 251 39.84 24.98 -9.25
CA HIS D 251 39.80 24.32 -7.94
C HIS D 251 40.03 22.83 -7.99
N MET D 252 40.34 22.29 -9.17
CA MET D 252 40.63 20.87 -9.29
C MET D 252 41.71 20.49 -8.29
N GLN D 253 42.77 21.28 -8.25
CA GLN D 253 43.90 21.10 -7.34
C GLN D 253 43.44 20.90 -5.91
N ASP D 254 42.66 21.85 -5.40
CA ASP D 254 42.14 21.84 -4.04
C ASP D 254 41.21 20.66 -3.80
N LEU D 255 40.20 20.52 -4.67
CA LEU D 255 39.21 19.44 -4.57
C LEU D 255 39.86 18.07 -4.50
N GLN D 256 40.99 17.96 -5.18
CA GLN D 256 41.76 16.73 -5.29
C GLN D 256 42.50 16.42 -4.00
N GLU D 257 43.09 17.46 -3.42
CA GLU D 257 43.87 17.32 -2.19
C GLU D 257 42.96 16.95 -1.04
N VAL D 258 41.81 17.63 -0.95
CA VAL D 258 40.81 17.37 0.08
C VAL D 258 40.28 15.93 -0.01
N THR D 259 40.04 15.46 -1.23
CA THR D 259 39.50 14.12 -1.43
C THR D 259 40.50 13.18 -0.70
N GLN D 260 41.76 13.24 -1.10
CA GLN D 260 42.82 12.49 -0.40
C GLN D 260 43.13 12.69 1.07
N ASP D 261 43.55 13.92 1.41
CA ASP D 261 43.96 14.24 2.77
C ASP D 261 42.82 13.98 3.76
N LEU D 262 41.58 14.35 3.38
CA LEU D 262 40.40 14.10 4.22
C LEU D 262 39.36 12.97 4.07
N HIS D 263 38.96 12.65 2.84
CA HIS D 263 37.87 11.69 2.56
C HIS D 263 38.51 10.32 2.43
N TYR D 264 39.75 10.30 1.90
CA TYR D 264 40.44 9.04 1.61
C TYR D 264 41.13 8.47 2.85
N GLU D 265 41.68 9.36 3.68
CA GLU D 265 42.22 8.98 4.98
C GLU D 265 41.07 8.49 5.84
N ASN D 266 39.94 9.19 5.74
CA ASN D 266 38.72 8.84 6.44
C ASN D 266 38.12 7.54 5.92
N PHE D 267 38.38 7.22 4.65
CA PHE D 267 37.99 5.93 4.10
C PHE D 267 38.77 4.81 4.80
N ARG D 268 40.10 4.98 4.82
CA ARG D 268 41.03 4.02 5.42
C ARG D 268 40.71 3.71 6.88
N SER D 269 40.51 4.77 7.68
CA SER D 269 40.17 4.61 9.09
C SER D 269 38.82 3.91 9.29
N GLU D 270 37.82 4.31 8.51
CA GLU D 270 36.46 3.74 8.62
C GLU D 270 36.35 2.27 8.20
N ARG D 271 37.33 1.79 7.45
CA ARG D 271 37.34 0.39 7.04
C ARG D 271 37.99 -0.48 8.13
N LEU D 272 38.57 0.17 9.13
CA LEU D 272 39.20 -0.52 10.26
C LEU D 272 38.38 -0.34 11.54
#